data_3Q5H
#
_entry.id   3Q5H
#
_cell.length_a   54.650
_cell.length_b   97.850
_cell.length_c   149.006
_cell.angle_alpha   90.00
_cell.angle_beta   90.00
_cell.angle_gamma   90.00
#
_symmetry.space_group_name_H-M   'P 21 21 21'
#
loop_
_entity.id
_entity.type
_entity.pdbx_description
1 polymer Renin
2 branched 2-acetamido-2-deoxy-beta-D-glucopyranose-(1-4)-2-acetamido-2-deoxy-beta-D-glucopyranose
3 non-polymer 'CHLORIDE ION'
4 non-polymer 'methyl (2-{(R)-(3-chlorophenyl)[(3R)-1-({(2S)-1-(methylamino)-3-[(3R)-tetrahydro-2H-pyran-3-yl]propan-2-yl}carbamoyl)piperidin-3-yl]methoxy}ethyl)carbamate'
5 water water
#
_entity_poly.entity_id   1
_entity_poly.type   'polypeptide(L)'
_entity_poly.pdbx_seq_one_letter_code
;LTLGNTTSSVILTNYMDTQYYGEIGIGTPPQTFKVVFDTGSSNVWVPSSKCSRLYTACVYHKLFDASDSSSYKHNGTELT
LRYSTGTVSGFLSQDIITVGGITVTQMFGEVTEMPALPFMLAEFDGVVGMGFIEQAIGRVTPIFDNIISQGVLKEDVFSF
YYNRDSENSQSLGGQIVLGGSDPQHYEGNFHYINLIKTGVWQIQMKGVSVGSSTLLCEDGCLALVDTGASYISGSTSSIE
KLMEALGAKKRLFDYVVKCNEGPTLPDISFHLGGKEYTLTSADYVFQESYSSKKLCTLAIHAMDIPPPTGPTWALGATFI
RKFYTEFDRRNNRIGFALAR
;
_entity_poly.pdbx_strand_id   A,B
#
loop_
_chem_comp.id
_chem_comp.type
_chem_comp.name
_chem_comp.formula
CL non-polymer 'CHLORIDE ION' 'Cl -1'
NAG D-saccharide, beta linking 2-acetamido-2-deoxy-beta-D-glucopyranose 'C8 H15 N O6'
RX6 non-polymer 'methyl (2-{(R)-(3-chlorophenyl)[(3R)-1-({(2S)-1-(methylamino)-3-[(3R)-tetrahydro-2H-pyran-3-yl]propan-2-yl}carbamoyl)piperidin-3-yl]methoxy}ethyl)carbamate' 'C26 H41 Cl N4 O5'
#
# COMPACT_ATOMS: atom_id res chain seq x y z
N GLY A 4 32.56 -22.76 23.34
CA GLY A 4 31.45 -21.77 23.07
C GLY A 4 30.08 -22.32 23.41
N ASN A 5 29.38 -21.63 24.33
CA ASN A 5 28.09 -22.14 24.84
C ASN A 5 26.96 -21.10 25.07
N THR A 6 27.06 -19.92 24.45
CA THR A 6 26.02 -18.91 24.59
C THR A 6 24.84 -19.18 23.67
N THR A 7 23.63 -18.99 24.18
CA THR A 7 22.44 -18.84 23.38
C THR A 7 21.67 -17.59 23.85
N SER A 8 21.77 -16.49 23.10
CA SER A 8 21.00 -15.29 23.34
C SER A 8 19.51 -15.45 22.92
N SER A 9 18.67 -14.49 23.32
CA SER A 9 17.23 -14.58 23.09
C SER A 9 16.60 -13.17 23.15
N VAL A 10 15.89 -12.79 22.11
CA VAL A 10 15.32 -11.44 22.04
C VAL A 10 13.84 -11.58 21.99
N ILE A 11 13.18 -10.91 22.94
CA ILE A 11 11.75 -10.85 23.01
C ILE A 11 11.22 -10.01 21.85
N LEU A 12 10.08 -10.39 21.28
CA LEU A 12 9.52 -9.67 20.13
C LEU A 12 8.14 -9.17 20.46
N THR A 13 7.86 -7.98 19.97
CA THR A 13 6.57 -7.43 20.06
C THR A 13 5.82 -7.88 18.86
N ASN A 14 4.54 -8.16 19.04
CA ASN A 14 3.70 -8.67 17.99
C ASN A 14 2.67 -7.63 17.77
N TYR A 15 2.71 -7.02 16.59
CA TYR A 15 1.70 -6.07 16.21
C TYR A 15 0.75 -6.65 15.21
N MET A 16 -0.47 -6.88 15.69
CA MET A 16 -1.60 -7.34 14.90
C MET A 16 -1.28 -8.52 14.01
N ASP A 17 -0.37 -9.39 14.46
CA ASP A 17 -0.07 -10.61 13.71
C ASP A 17 0.60 -10.36 12.31
N THR A 18 1.04 -9.12 12.09
CA THR A 18 1.58 -8.75 10.80
C THR A 18 2.96 -8.17 10.91
N GLN A 19 3.33 -7.58 12.05
CA GLN A 19 4.70 -7.13 12.25
C GLN A 19 5.23 -7.66 13.58
N TYR A 20 6.38 -8.30 13.53
CA TYR A 20 7.11 -8.71 14.72
C TYR A 20 8.48 -8.10 14.72
N TYR A 21 8.84 -7.48 15.85
CA TYR A 21 10.06 -6.77 15.91
C TYR A 21 10.61 -6.83 17.30
N GLY A 22 11.92 -6.70 17.38
CA GLY A 22 12.61 -6.74 18.65
C GLY A 22 13.50 -5.51 18.74
N GLU A 23 14.25 -5.43 19.82
CA GLU A 23 15.17 -4.29 19.99
C GLU A 23 16.66 -4.71 19.72
N ILE A 24 17.41 -3.80 19.10
CA ILE A 24 18.87 -3.86 19.12
C ILE A 24 19.44 -2.53 19.63
N GLY A 25 20.67 -2.57 20.13
CA GLY A 25 21.29 -1.34 20.52
C GLY A 25 22.48 -1.14 19.63
N ILE A 26 22.70 0.09 19.15
CA ILE A 26 23.86 0.41 18.30
C ILE A 26 24.64 1.53 18.95
N GLY A 27 25.97 1.39 18.92
CA GLY A 27 26.86 2.38 19.43
C GLY A 27 27.12 2.26 20.92
N THR A 28 27.96 3.17 21.44
CA THR A 28 28.19 3.31 22.89
C THR A 28 28.12 4.80 23.27
N PRO A 29 27.17 5.17 24.16
CA PRO A 29 26.19 4.27 24.77
C PRO A 29 25.18 3.76 23.71
N PRO A 30 24.46 2.67 23.98
CA PRO A 30 23.60 2.16 22.90
C PRO A 30 22.41 3.08 22.56
N GLN A 31 22.17 3.22 21.26
CA GLN A 31 20.91 3.77 20.76
C GLN A 31 20.08 2.57 20.36
N THR A 32 18.92 2.41 21.01
CA THR A 32 18.07 1.27 20.75
C THR A 32 17.22 1.46 19.48
N PHE A 33 16.92 0.36 18.82
CA PHE A 33 16.05 0.41 17.66
C PHE A 33 15.14 -0.79 17.65
N LYS A 34 13.94 -0.55 17.13
CA LYS A 34 12.97 -1.60 16.80
C LYS A 34 13.26 -2.07 15.38
N VAL A 35 13.51 -3.36 15.22
CA VAL A 35 13.85 -3.92 13.96
C VAL A 35 13.21 -5.27 13.75
N VAL A 36 12.92 -5.57 12.48
CA VAL A 36 12.40 -6.85 12.04
C VAL A 36 13.57 -7.68 11.65
N PHE A 37 13.55 -8.91 12.15
CA PHE A 37 14.55 -9.93 11.87
C PHE A 37 14.11 -10.75 10.62
N ASP A 38 14.78 -10.52 9.48
CA ASP A 38 14.24 -10.89 8.16
C ASP A 38 15.10 -11.96 7.48
N THR A 39 14.62 -13.22 7.42
CA THR A 39 15.42 -14.26 6.72
C THR A 39 15.44 -14.08 5.18
N GLY A 40 14.51 -13.29 4.64
CA GLY A 40 14.51 -13.04 3.21
C GLY A 40 15.42 -11.87 2.80
N SER A 41 16.21 -11.31 3.72
CA SER A 41 17.17 -10.32 3.29
C SER A 41 18.43 -10.38 4.18
N SER A 42 19.44 -9.60 3.82
CA SER A 42 20.77 -9.82 4.39
C SER A 42 21.50 -8.60 4.88
N ASN A 43 20.82 -7.44 4.83
CA ASN A 43 21.50 -6.21 5.22
C ASN A 43 20.91 -5.73 6.55
N VAL A 44 21.71 -5.06 7.37
CA VAL A 44 21.18 -4.34 8.55
C VAL A 44 21.07 -2.88 8.23
N TRP A 45 19.94 -2.24 8.60
CA TRP A 45 19.86 -0.78 8.45
C TRP A 45 18.94 -0.15 9.48
N VAL A 46 19.23 1.11 9.81
CA VAL A 46 18.33 1.91 10.60
C VAL A 46 18.29 3.35 10.05
N PRO A 47 17.23 4.11 10.41
CA PRO A 47 17.20 5.46 9.95
C PRO A 47 18.30 6.31 10.55
N SER A 48 18.76 7.26 9.78
CA SER A 48 19.91 8.06 10.20
C SER A 48 19.50 9.43 10.74
N SER A 49 20.17 9.92 11.77
CA SER A 49 20.01 11.35 12.16
C SER A 49 20.14 12.34 10.99
N LYS A 50 20.84 11.92 9.92
CA LYS A 50 21.04 12.74 8.72
C LYS A 50 19.90 12.72 7.69
N CYS A 51 18.88 11.89 7.99
CA CYS A 51 17.66 11.79 7.26
C CYS A 51 16.86 13.09 7.38
N SER A 52 16.67 13.79 6.30
CA SER A 52 15.92 14.99 6.27
C SER A 52 14.50 14.84 6.79
N ARG A 53 13.95 15.93 7.33
CA ARG A 53 12.59 15.93 7.85
C ARG A 53 11.60 15.76 6.70
N LEU A 54 12.03 16.14 5.50
CA LEU A 54 11.20 16.01 4.34
C LEU A 54 10.63 14.57 4.24
N TYR A 55 11.39 13.57 4.74
CA TYR A 55 10.94 12.19 4.88
C TYR A 55 10.14 12.05 6.17
N THR A 56 8.83 12.03 6.07
CA THR A 56 8.03 11.95 7.26
C THR A 56 8.23 10.59 7.94
N ALA A 57 8.67 9.54 7.22
CA ALA A 57 9.01 8.26 7.91
C ALA A 57 10.22 8.45 8.85
N CYS A 58 11.16 9.31 8.49
CA CYS A 58 12.26 9.63 9.42
C CYS A 58 11.80 10.49 10.57
N VAL A 59 10.83 11.38 10.35
CA VAL A 59 10.22 12.06 11.51
C VAL A 59 9.61 11.07 12.53
N TYR A 60 8.97 10.01 12.03
CA TYR A 60 8.22 9.07 12.90
C TYR A 60 8.98 7.87 13.41
N HIS A 61 10.29 7.76 13.13
CA HIS A 61 11.05 6.66 13.72
C HIS A 61 12.30 7.10 14.47
N LYS A 62 12.94 6.19 15.17
CA LYS A 62 14.19 6.52 15.87
C LYS A 62 15.33 6.67 14.86
N LEU A 63 16.15 7.70 15.04
CA LEU A 63 17.25 8.01 14.11
C LEU A 63 18.60 7.69 14.77
N PHE A 64 19.53 7.10 14.03
CA PHE A 64 20.85 6.82 14.57
C PHE A 64 21.72 8.06 14.46
N ASP A 65 22.24 8.53 15.58
CA ASP A 65 23.16 9.68 15.55
C ASP A 65 24.60 9.26 15.72
N ALA A 66 25.33 9.16 14.62
CA ALA A 66 26.73 8.70 14.64
C ALA A 66 27.59 9.46 15.67
N SER A 67 27.41 10.78 15.69
CA SER A 67 28.27 11.62 16.51
C SER A 67 28.02 11.46 18.02
N ASP A 68 27.05 10.62 18.45
CA ASP A 68 26.87 10.38 19.88
C ASP A 68 27.44 9.05 20.27
N SER A 69 28.17 8.39 19.38
CA SER A 69 28.76 7.10 19.71
C SER A 69 30.26 7.17 19.50
N SER A 70 31.01 6.64 20.49
CA SER A 70 32.49 6.63 20.48
C SER A 70 33.03 5.44 19.71
N SER A 71 32.23 4.38 19.57
CA SER A 71 32.67 3.21 18.82
C SER A 71 32.35 3.29 17.34
N TYR A 72 31.67 4.36 16.92
CA TYR A 72 31.32 4.55 15.53
C TYR A 72 32.54 4.71 14.70
N LYS A 73 32.56 3.99 13.59
CA LYS A 73 33.62 4.15 12.61
C LYS A 73 33.09 4.50 11.19
N HIS A 74 33.45 5.69 10.70
CA HIS A 74 32.97 6.19 9.41
C HIS A 74 33.30 5.28 8.24
N ASN A 75 32.39 5.25 7.27
CA ASN A 75 32.67 4.62 6.01
C ASN A 75 32.05 5.43 4.88
N GLY A 76 30.75 5.75 4.99
CA GLY A 76 30.07 6.58 3.98
C GLY A 76 29.89 6.06 2.55
N THR A 77 30.25 4.80 2.29
CA THR A 77 29.93 4.17 0.99
C THR A 77 28.40 4.11 0.87
N GLU A 78 27.92 4.47 -0.30
CA GLU A 78 26.52 4.58 -0.56
C GLU A 78 25.79 3.21 -0.62
N LEU A 79 24.60 3.14 -0.11
CA LEU A 79 23.86 1.87 -0.10
C LEU A 79 22.44 2.07 -0.53
N THR A 80 21.97 1.22 -1.43
CA THR A 80 20.56 1.21 -1.82
C THR A 80 19.97 -0.22 -1.75
N LEU A 81 18.89 -0.36 -0.97
CA LEU A 81 18.19 -1.61 -0.67
C LEU A 81 16.79 -1.57 -1.23
N ARG A 82 16.43 -2.61 -1.99
CA ARG A 82 15.12 -2.65 -2.68
C ARG A 82 14.29 -3.80 -2.14
N TYR A 83 13.17 -3.45 -1.53
CA TYR A 83 12.31 -4.50 -1.03
C TYR A 83 11.00 -4.48 -1.81
N SER A 84 10.17 -5.48 -1.58
CA SER A 84 8.90 -5.64 -2.24
C SER A 84 8.08 -4.40 -1.98
N THR A 85 8.30 -3.78 -0.84
CA THR A 85 7.56 -2.58 -0.38
C THR A 85 8.10 -1.21 -0.86
N GLY A 86 9.29 -1.20 -1.44
CA GLY A 86 9.91 0.07 -1.81
C GLY A 86 11.39 0.01 -1.50
N THR A 87 12.04 1.18 -1.62
CA THR A 87 13.46 1.28 -1.63
C THR A 87 13.91 2.24 -0.57
N VAL A 88 14.94 1.84 0.18
CA VAL A 88 15.60 2.77 1.06
C VAL A 88 17.04 2.98 0.57
N SER A 89 17.59 4.12 0.92
CA SER A 89 18.88 4.51 0.47
C SER A 89 19.60 5.29 1.57
N GLY A 90 20.92 5.25 1.57
CA GLY A 90 21.72 5.86 2.65
C GLY A 90 23.21 5.49 2.42
N PHE A 91 23.94 5.25 3.49
CA PHE A 91 25.37 4.99 3.41
C PHE A 91 25.79 4.10 4.58
N LEU A 92 26.98 3.52 4.50
CA LEU A 92 27.48 2.50 5.44
C LEU A 92 28.21 3.10 6.59
N SER A 93 28.01 2.52 7.78
CA SER A 93 28.66 2.93 9.01
C SER A 93 29.02 1.70 9.78
N GLN A 94 30.10 1.74 10.55
CA GLN A 94 30.42 0.65 11.44
C GLN A 94 30.16 1.04 12.88
N ASP A 95 29.55 0.14 13.63
CA ASP A 95 29.46 0.35 15.05
C ASP A 95 29.18 -0.98 15.68
N ILE A 96 29.18 -1.01 16.99
CA ILE A 96 28.88 -2.22 17.69
C ILE A 96 27.36 -2.35 17.85
N ILE A 97 26.87 -3.55 17.68
CA ILE A 97 25.47 -3.79 17.75
C ILE A 97 25.30 -4.85 18.79
N THR A 98 24.37 -4.57 19.70
CA THR A 98 23.91 -5.54 20.68
C THR A 98 22.55 -6.11 20.35
N VAL A 99 22.52 -7.43 20.22
CA VAL A 99 21.29 -8.19 20.15
C VAL A 99 21.31 -9.36 21.17
N GLY A 100 20.40 -9.36 22.13
CA GLY A 100 20.65 -10.16 23.34
C GLY A 100 21.61 -9.37 24.25
N GLY A 101 22.59 -9.99 24.91
CA GLY A 101 23.18 -11.27 24.59
C GLY A 101 24.56 -10.86 24.10
N ILE A 102 24.58 -10.52 22.82
CA ILE A 102 25.76 -10.57 22.03
C ILE A 102 26.11 -9.20 21.46
N THR A 103 27.39 -8.89 21.52
CA THR A 103 27.91 -7.68 21.01
C THR A 103 28.77 -7.99 19.80
N VAL A 104 28.47 -7.40 18.67
CA VAL A 104 29.28 -7.64 17.49
C VAL A 104 29.53 -6.37 16.77
N THR A 105 30.64 -6.27 16.08
CA THR A 105 30.95 -5.12 15.29
C THR A 105 30.42 -5.36 13.92
N GLN A 106 29.71 -4.38 13.38
CA GLN A 106 28.94 -4.56 12.17
C GLN A 106 28.87 -3.40 11.21
N MET A 107 28.81 -3.70 9.94
CA MET A 107 28.52 -2.68 8.97
C MET A 107 27.04 -2.66 8.66
N PHE A 108 26.43 -1.50 8.75
CA PHE A 108 24.98 -1.39 8.57
C PHE A 108 24.69 -0.18 7.75
N GLY A 109 23.45 -0.03 7.27
CA GLY A 109 23.08 1.18 6.58
C GLY A 109 22.44 2.19 7.54
N GLU A 110 23.01 3.38 7.55
CA GLU A 110 22.30 4.58 7.94
C GLU A 110 21.37 5.11 6.80
N VAL A 111 20.06 5.09 7.01
CA VAL A 111 19.12 5.43 5.94
C VAL A 111 18.75 6.94 5.97
N THR A 112 18.89 7.59 4.82
CA THR A 112 18.62 9.00 4.72
C THR A 112 17.52 9.25 3.66
N GLU A 113 17.02 8.18 3.02
CA GLU A 113 15.79 8.32 2.22
C GLU A 113 14.90 7.16 2.55
N MET A 114 13.69 7.47 3.03
CA MET A 114 12.81 6.45 3.52
C MET A 114 11.46 6.84 3.01
N PRO A 115 10.88 6.10 2.06
CA PRO A 115 9.61 6.62 1.55
C PRO A 115 8.43 6.46 2.55
N ALA A 116 7.52 7.42 2.57
CA ALA A 116 6.25 7.37 3.33
C ALA A 116 5.49 6.06 3.03
N LEU A 117 5.31 5.78 1.76
CA LEU A 117 4.84 4.45 1.35
C LEU A 117 6.05 3.55 1.27
N PRO A 118 6.14 2.51 2.14
CA PRO A 118 5.10 2.20 3.11
C PRO A 118 5.54 2.33 4.60
N PHE A 119 6.68 2.98 4.81
CA PHE A 119 7.30 3.07 6.14
C PHE A 119 6.54 3.90 7.14
N MET A 120 5.53 4.64 6.68
CA MET A 120 4.62 5.34 7.60
C MET A 120 3.72 4.30 8.25
N LEU A 121 3.75 3.07 7.75
CA LEU A 121 2.95 2.03 8.35
C LEU A 121 3.82 1.09 9.16
N ALA A 122 5.14 1.27 9.14
CA ALA A 122 6.07 0.40 9.87
C ALA A 122 6.06 0.73 11.35
N GLU A 123 5.70 -0.24 12.17
CA GLU A 123 5.84 -0.04 13.60
C GLU A 123 7.31 -0.13 14.07
N PHE A 124 8.18 -0.62 13.21
CA PHE A 124 9.60 -0.78 13.53
C PHE A 124 10.41 0.33 12.89
N ASP A 125 11.64 0.45 13.34
CA ASP A 125 12.53 1.44 12.77
C ASP A 125 13.32 0.93 11.54
N GLY A 126 13.97 -0.24 11.65
CA GLY A 126 14.87 -0.76 10.61
C GLY A 126 14.76 -2.30 10.47
N VAL A 127 15.74 -2.91 9.84
CA VAL A 127 15.67 -4.32 9.50
C VAL A 127 17.04 -4.90 9.82
N VAL A 128 17.03 -6.12 10.37
CA VAL A 128 18.23 -6.91 10.58
C VAL A 128 18.00 -8.11 9.65
N GLY A 129 18.64 -8.09 8.47
CA GLY A 129 18.58 -9.23 7.60
C GLY A 129 19.26 -10.50 8.13
N MET A 130 18.56 -11.64 8.06
CA MET A 130 19.15 -12.88 8.57
C MET A 130 19.55 -13.87 7.45
N GLY A 131 19.55 -13.41 6.21
CA GLY A 131 19.88 -14.26 5.10
C GLY A 131 21.39 -14.35 4.94
N PHE A 132 21.82 -14.77 3.76
CA PHE A 132 23.19 -15.14 3.53
C PHE A 132 23.89 -13.98 2.89
N ILE A 133 25.21 -13.97 2.97
CA ILE A 133 26.02 -12.90 2.34
C ILE A 133 25.78 -12.79 0.86
N GLU A 134 25.48 -13.91 0.21
CA GLU A 134 25.15 -13.96 -1.21
C GLU A 134 24.04 -12.99 -1.59
N GLN A 135 23.18 -12.67 -0.65
CA GLN A 135 22.09 -11.83 -1.02
C GLN A 135 22.31 -10.45 -0.45
N ALA A 136 23.47 -10.20 0.15
CA ALA A 136 23.66 -8.89 0.78
C ALA A 136 24.05 -7.87 -0.25
N ILE A 137 23.42 -6.72 -0.21
CA ILE A 137 23.81 -5.68 -1.11
C ILE A 137 25.14 -5.16 -0.62
N GLY A 138 26.01 -4.87 -1.60
CA GLY A 138 27.36 -4.35 -1.33
C GLY A 138 28.26 -5.42 -0.77
N ARG A 139 27.77 -6.65 -0.74
CA ARG A 139 28.44 -7.76 -0.09
C ARG A 139 28.93 -7.43 1.33
N VAL A 140 28.11 -6.71 2.08
CA VAL A 140 28.44 -6.40 3.48
C VAL A 140 28.22 -7.68 4.27
N THR A 141 29.17 -8.01 5.17
CA THR A 141 29.10 -9.23 5.96
C THR A 141 27.89 -9.11 6.87
N PRO A 142 26.99 -10.10 6.81
CA PRO A 142 25.77 -10.06 7.58
C PRO A 142 26.00 -10.31 9.05
N ILE A 143 25.06 -9.82 9.85
CA ILE A 143 25.19 -9.88 11.28
C ILE A 143 25.41 -11.30 11.77
N PHE A 144 24.65 -12.26 11.24
CA PHE A 144 24.81 -13.62 11.76
C PHE A 144 26.14 -14.19 11.38
N ASP A 145 26.67 -13.84 10.21
CA ASP A 145 28.02 -14.25 9.84
C ASP A 145 29.04 -13.71 10.84
N ASN A 146 28.86 -12.44 11.22
CA ASN A 146 29.79 -11.79 12.14
C ASN A 146 29.73 -12.38 13.50
N ILE A 147 28.52 -12.65 14.00
CA ILE A 147 28.35 -13.45 15.21
C ILE A 147 29.00 -14.88 15.16
N ILE A 148 28.70 -15.68 14.13
CA ILE A 148 29.38 -16.99 13.94
C ILE A 148 30.92 -16.90 14.09
N SER A 149 31.53 -15.94 13.38
CA SER A 149 32.95 -15.60 13.55
C SER A 149 33.39 -15.38 14.99
N GLN A 150 32.49 -15.08 15.91
CA GLN A 150 32.90 -14.81 17.27
C GLN A 150 33.16 -16.12 18.01
N GLY A 151 32.69 -17.22 17.43
CA GLY A 151 32.66 -18.49 18.16
C GLY A 151 32.00 -18.47 19.55
N VAL A 152 31.03 -17.63 19.77
CA VAL A 152 30.38 -17.63 21.08
C VAL A 152 29.16 -18.57 21.16
N LEU A 153 28.60 -18.94 20.00
CA LEU A 153 27.30 -19.60 20.03
C LEU A 153 27.43 -21.10 20.29
N LYS A 154 26.51 -21.60 21.11
CA LYS A 154 26.39 -23.03 21.32
C LYS A 154 26.35 -23.79 19.96
N GLU A 155 25.32 -23.56 19.16
CA GLU A 155 25.25 -24.11 17.81
C GLU A 155 25.08 -22.98 16.80
N ASP A 156 25.53 -23.20 15.55
CA ASP A 156 25.42 -22.15 14.52
C ASP A 156 24.01 -22.04 13.90
N VAL A 157 23.02 -21.84 14.76
CA VAL A 157 21.62 -21.82 14.31
C VAL A 157 20.88 -20.65 14.93
N PHE A 158 19.72 -20.29 14.40
CA PHE A 158 18.84 -19.39 15.10
C PHE A 158 17.44 -19.84 14.79
N SER A 159 16.49 -19.45 15.63
CA SER A 159 15.14 -19.91 15.51
C SER A 159 14.11 -18.85 15.93
N PHE A 160 12.88 -19.07 15.47
CA PHE A 160 11.86 -18.09 15.54
C PHE A 160 10.64 -18.71 16.16
N TYR A 161 10.10 -18.00 17.14
CA TYR A 161 8.79 -18.27 17.67
C TYR A 161 7.94 -17.03 17.49
N TYR A 162 6.82 -17.13 16.83
CA TYR A 162 5.92 -16.02 16.67
C TYR A 162 4.61 -16.40 17.32
N ASN A 163 4.09 -15.63 18.24
CA ASN A 163 2.83 -15.97 18.89
C ASN A 163 1.67 -15.32 18.20
N ARG A 164 0.46 -15.62 18.63
CA ARG A 164 -0.69 -15.14 18.01
C ARG A 164 -1.07 -13.90 18.81
N ASP A 165 -1.40 -12.86 18.13
CA ASP A 165 -1.78 -11.62 18.85
C ASP A 165 -2.72 -11.79 19.99
N SER A 166 -2.54 -10.97 21.00
CA SER A 166 -3.35 -11.11 22.19
C SER A 166 -3.67 -9.84 22.88
N GLU A 167 -4.80 -9.91 23.57
CA GLU A 167 -5.33 -8.86 24.41
C GLU A 167 -4.59 -8.71 25.72
N ASN A 168 -3.96 -9.75 26.21
CA ASN A 168 -3.09 -9.68 27.39
C ASN A 168 -2.05 -8.66 27.38
N SER A 169 -1.94 -7.99 28.52
CA SER A 169 -0.90 -7.05 28.76
C SER A 169 0.36 -7.84 28.64
N GLN A 170 0.36 -9.03 29.23
CA GLN A 170 1.50 -9.88 29.11
C GLN A 170 1.27 -10.82 27.98
N SER A 171 2.02 -11.87 27.87
CA SER A 171 1.84 -12.76 26.74
C SER A 171 2.71 -12.32 25.63
N LEU A 172 3.71 -13.11 25.34
CA LEU A 172 4.85 -12.71 24.61
C LEU A 172 4.59 -12.74 23.12
N GLY A 173 4.88 -11.66 22.43
CA GLY A 173 4.62 -11.56 21.02
C GLY A 173 5.34 -12.59 20.19
N GLY A 174 6.60 -12.81 20.54
CA GLY A 174 7.45 -13.76 19.88
C GLY A 174 8.83 -13.79 20.47
N GLN A 175 9.68 -14.62 19.92
CA GLN A 175 11.03 -14.67 20.40
C GLN A 175 11.97 -15.28 19.41
N ILE A 176 13.12 -14.68 19.30
CA ILE A 176 14.20 -15.19 18.48
C ILE A 176 15.29 -15.73 19.38
N VAL A 177 15.76 -16.94 19.14
CA VAL A 177 16.91 -17.43 19.88
C VAL A 177 18.13 -17.46 18.98
N LEU A 178 19.26 -16.95 19.45
CA LEU A 178 20.51 -17.14 18.72
C LEU A 178 21.37 -18.25 19.34
N GLY A 179 21.78 -19.23 18.56
CA GLY A 179 22.57 -20.30 19.10
C GLY A 179 21.79 -21.58 19.32
N GLY A 180 20.46 -21.53 19.19
CA GLY A 180 19.65 -22.69 19.56
C GLY A 180 18.16 -22.45 19.43
N SER A 181 17.35 -23.40 19.89
CA SER A 181 15.91 -23.27 19.91
C SER A 181 15.38 -23.50 21.34
N ASP A 182 14.16 -23.06 21.63
CA ASP A 182 13.65 -22.98 23.01
C ASP A 182 12.51 -23.96 23.18
N PRO A 183 12.74 -25.10 23.86
CA PRO A 183 11.70 -26.13 23.86
C PRO A 183 10.47 -25.74 24.63
N GLN A 184 10.47 -24.54 25.20
CA GLN A 184 9.23 -24.04 25.79
C GLN A 184 8.23 -23.69 24.70
N HIS A 185 8.69 -23.54 23.47
CA HIS A 185 7.76 -23.05 22.43
C HIS A 185 7.57 -23.95 21.26
N TYR A 186 7.95 -25.21 21.42
CA TYR A 186 7.63 -26.20 20.41
C TYR A 186 7.47 -27.53 21.10
N GLU A 187 6.66 -28.42 20.54
CA GLU A 187 6.56 -29.78 21.05
C GLU A 187 7.22 -30.79 20.09
N GLY A 188 7.66 -31.93 20.64
CA GLY A 188 8.20 -33.01 19.82
C GLY A 188 9.60 -32.68 19.33
N ASN A 189 10.01 -33.31 18.26
CA ASN A 189 11.30 -32.96 17.67
C ASN A 189 11.14 -32.30 16.32
N PHE A 190 12.20 -31.63 15.93
CA PHE A 190 12.34 -31.02 14.62
C PHE A 190 12.38 -32.06 13.53
N HIS A 191 11.65 -31.77 12.46
CA HIS A 191 11.74 -32.41 11.15
C HIS A 191 12.56 -31.45 10.30
N TYR A 192 13.74 -31.88 9.86
CA TYR A 192 14.72 -31.04 9.22
C TYR A 192 14.58 -31.25 7.75
N ILE A 193 14.63 -30.17 7.00
CA ILE A 193 14.65 -30.24 5.56
C ILE A 193 15.82 -29.48 5.06
N ASN A 194 16.48 -30.00 4.03
CA ASN A 194 17.75 -29.45 3.56
C ASN A 194 17.57 -28.26 2.61
N LEU A 195 18.38 -27.21 2.73
CA LEU A 195 18.24 -26.11 1.77
C LEU A 195 18.48 -26.68 0.39
N ILE A 196 17.91 -26.06 -0.65
CA ILE A 196 18.32 -26.44 -2.01
C ILE A 196 19.77 -26.13 -2.25
N LYS A 197 20.18 -24.94 -1.82
CA LYS A 197 21.56 -24.50 -1.89
C LYS A 197 21.81 -23.51 -0.77
N THR A 198 23.07 -23.41 -0.30
CA THR A 198 23.44 -22.34 0.61
C THR A 198 23.21 -20.93 -0.09
N GLY A 199 23.05 -19.84 0.64
CA GLY A 199 22.78 -18.59 -0.04
C GLY A 199 21.35 -18.07 0.10
N VAL A 200 20.41 -18.92 0.46
CA VAL A 200 19.02 -18.55 0.46
C VAL A 200 18.27 -19.50 1.39
N TRP A 201 17.46 -18.97 2.29
CA TRP A 201 16.67 -19.81 3.16
C TRP A 201 15.47 -20.38 2.37
N GLN A 202 15.71 -21.34 1.47
CA GLN A 202 14.72 -21.82 0.51
C GLN A 202 14.78 -23.33 0.39
N ILE A 203 13.66 -24.03 0.49
CA ILE A 203 13.65 -25.49 0.34
C ILE A 203 12.69 -25.90 -0.74
N GLN A 204 12.70 -27.17 -1.15
CA GLN A 204 11.72 -27.66 -2.13
C GLN A 204 10.38 -27.94 -1.54
N MET A 205 9.36 -27.81 -2.37
CA MET A 205 8.03 -28.06 -1.88
C MET A 205 7.36 -28.93 -2.92
N LYS A 206 6.79 -30.04 -2.47
CA LYS A 206 6.28 -31.06 -3.37
C LYS A 206 4.80 -30.86 -3.71
N GLY A 207 4.10 -29.99 -3.00
CA GLY A 207 2.71 -29.77 -3.33
C GLY A 207 2.00 -28.90 -2.32
N VAL A 208 0.91 -28.29 -2.77
CA VAL A 208 0.10 -27.57 -1.84
C VAL A 208 -1.30 -28.04 -2.03
N SER A 209 -1.97 -28.45 -0.98
CA SER A 209 -3.34 -28.91 -1.17
C SER A 209 -4.33 -28.13 -0.41
N VAL A 210 -5.49 -28.03 -1.04
CA VAL A 210 -6.66 -27.40 -0.45
C VAL A 210 -7.71 -28.46 -0.31
N GLY A 211 -8.06 -28.76 0.94
CA GLY A 211 -8.97 -29.83 1.23
C GLY A 211 -8.24 -31.15 1.15
N SER A 212 -8.82 -32.10 0.40
CA SER A 212 -8.15 -33.39 0.15
C SER A 212 -7.27 -33.29 -1.13
N SER A 213 -7.81 -32.63 -2.17
CA SER A 213 -7.21 -32.51 -3.53
C SER A 213 -5.83 -31.74 -3.56
N THR A 214 -4.82 -32.31 -4.25
CA THR A 214 -3.58 -31.57 -4.56
C THR A 214 -3.83 -30.53 -5.64
N LEU A 215 -4.22 -29.35 -5.19
CA LEU A 215 -4.59 -28.34 -6.12
C LEU A 215 -3.34 -27.71 -6.77
N LEU A 216 -2.33 -27.39 -5.97
CA LEU A 216 -1.29 -26.50 -6.44
C LEU A 216 0.10 -27.16 -6.43
N CYS A 217 1.08 -26.59 -7.17
CA CYS A 217 2.50 -26.98 -7.07
C CYS A 217 2.53 -28.50 -7.27
N GLU A 218 1.65 -29.01 -8.13
CA GLU A 218 1.39 -30.43 -8.17
C GLU A 218 2.63 -31.16 -8.61
N ASP A 219 3.52 -30.43 -9.32
CA ASP A 219 4.77 -31.04 -9.82
C ASP A 219 5.99 -30.45 -9.14
N GLY A 220 5.78 -29.91 -7.94
CA GLY A 220 6.88 -29.34 -7.16
C GLY A 220 7.07 -27.85 -7.39
N CYS A 221 7.59 -27.16 -6.39
CA CYS A 221 7.81 -25.72 -6.45
C CYS A 221 8.72 -25.36 -5.29
N LEU A 222 9.03 -24.08 -5.12
CA LEU A 222 9.98 -23.72 -4.07
C LEU A 222 9.19 -23.00 -3.00
N ALA A 223 9.72 -23.06 -1.79
CA ALA A 223 9.28 -22.26 -0.63
C ALA A 223 10.44 -21.57 0.03
N LEU A 224 10.38 -20.23 0.04
CA LEU A 224 11.24 -19.41 0.88
C LEU A 224 10.70 -19.45 2.35
N VAL A 225 11.54 -19.59 3.39
CA VAL A 225 11.04 -19.50 4.75
C VAL A 225 11.45 -18.12 5.28
N ASP A 226 10.45 -17.22 5.32
CA ASP A 226 10.67 -15.77 5.30
C ASP A 226 10.07 -15.14 6.50
N THR A 227 10.87 -15.01 7.52
CA THR A 227 10.44 -14.44 8.81
C THR A 227 10.12 -12.94 8.73
N GLY A 228 10.47 -12.27 7.63
CA GLY A 228 10.07 -10.85 7.44
C GLY A 228 8.76 -10.74 6.64
N ALA A 229 8.18 -11.87 6.25
CA ALA A 229 6.90 -11.80 5.50
C ALA A 229 5.68 -11.96 6.43
N SER A 230 4.65 -11.14 6.31
CA SER A 230 3.54 -11.27 7.28
C SER A 230 2.71 -12.52 6.95
N TYR A 231 2.39 -12.67 5.67
CA TYR A 231 1.46 -13.67 5.18
C TYR A 231 2.17 -14.81 4.48
N ILE A 232 1.41 -15.85 4.13
CA ILE A 232 1.89 -16.81 3.18
C ILE A 232 1.81 -16.18 1.78
N SER A 233 2.82 -16.41 0.92
CA SER A 233 2.68 -15.86 -0.45
C SER A 233 2.94 -16.88 -1.50
N GLY A 234 2.22 -16.76 -2.61
CA GLY A 234 2.48 -17.52 -3.79
C GLY A 234 2.41 -16.59 -5.00
N SER A 235 2.68 -17.15 -6.17
CA SER A 235 2.63 -16.42 -7.39
C SER A 235 1.22 -16.06 -7.74
N THR A 236 1.06 -15.02 -8.51
CA THR A 236 -0.26 -14.58 -8.87
C THR A 236 -1.07 -15.79 -9.41
N SER A 237 -0.47 -16.57 -10.29
CA SER A 237 -1.15 -17.75 -10.88
C SER A 237 -1.61 -18.82 -9.82
N SER A 238 -0.75 -19.21 -8.88
CA SER A 238 -1.18 -20.12 -7.80
C SER A 238 -2.29 -19.55 -6.93
N ILE A 239 -2.05 -18.33 -6.45
CA ILE A 239 -2.98 -17.62 -5.55
C ILE A 239 -4.38 -17.45 -6.14
N GLU A 240 -4.48 -17.06 -7.42
CA GLU A 240 -5.77 -17.02 -8.11
C GLU A 240 -6.47 -18.36 -7.98
N LYS A 241 -5.73 -19.43 -8.18
CA LYS A 241 -6.31 -20.78 -8.09
C LYS A 241 -6.79 -21.08 -6.67
N LEU A 242 -5.92 -20.82 -5.69
CA LEU A 242 -6.20 -21.11 -4.29
C LEU A 242 -7.40 -20.30 -3.85
N MET A 243 -7.46 -19.02 -4.28
CA MET A 243 -8.47 -18.13 -3.79
C MET A 243 -9.86 -18.49 -4.36
N GLU A 244 -9.92 -18.78 -5.66
CA GLU A 244 -11.08 -19.48 -6.22
C GLU A 244 -11.54 -20.68 -5.34
N ALA A 245 -10.63 -21.61 -5.07
CA ALA A 245 -11.00 -22.79 -4.24
C ALA A 245 -11.69 -22.40 -2.93
N LEU A 246 -11.31 -21.26 -2.38
CA LEU A 246 -11.85 -20.84 -1.10
C LEU A 246 -13.07 -19.92 -1.24
N GLY A 247 -13.37 -19.52 -2.46
CA GLY A 247 -14.42 -18.53 -2.70
C GLY A 247 -14.02 -17.16 -2.18
N ALA A 248 -12.71 -16.84 -2.16
CA ALA A 248 -12.31 -15.53 -1.68
C ALA A 248 -12.43 -14.46 -2.75
N LYS A 249 -12.51 -13.20 -2.30
CA LYS A 249 -12.65 -12.02 -3.16
C LYS A 249 -11.41 -11.16 -3.07
N LYS A 250 -10.96 -10.67 -4.22
CA LYS A 250 -9.74 -9.92 -4.25
C LYS A 250 -10.20 -8.48 -4.11
N ARG A 251 -9.61 -7.80 -3.16
CA ARG A 251 -9.79 -6.39 -3.00
C ARG A 251 -8.48 -5.71 -3.30
N LEU A 252 -8.35 -4.46 -2.94
CA LEU A 252 -7.21 -3.68 -3.27
C LEU A 252 -5.97 -4.07 -2.50
N PHE A 253 -6.11 -4.32 -1.21
CA PHE A 253 -4.99 -4.70 -0.40
C PHE A 253 -5.03 -6.13 0.07
N ASP A 254 -6.16 -6.79 0.01
CA ASP A 254 -6.27 -8.13 0.51
C ASP A 254 -7.19 -9.06 -0.23
N TYR A 255 -7.24 -10.29 0.22
CA TYR A 255 -8.27 -11.20 -0.12
C TYR A 255 -9.11 -11.43 1.13
N VAL A 256 -10.40 -11.50 0.93
CA VAL A 256 -11.38 -11.69 1.99
C VAL A 256 -12.37 -12.79 1.70
N VAL A 257 -12.94 -13.31 2.79
CA VAL A 257 -14.22 -14.05 2.72
C VAL A 257 -15.29 -13.46 3.64
N LYS A 258 -16.55 -13.85 3.44
CA LYS A 258 -17.58 -13.50 4.42
C LYS A 258 -17.12 -14.16 5.71
N CYS A 259 -17.12 -13.38 6.78
CA CYS A 259 -16.63 -13.82 8.04
C CYS A 259 -17.28 -15.07 8.55
N ASN A 260 -18.58 -15.28 8.24
CA ASN A 260 -19.31 -16.46 8.74
C ASN A 260 -18.86 -17.71 8.07
N GLU A 261 -18.25 -17.56 6.91
CA GLU A 261 -17.79 -18.68 6.15
C GLU A 261 -16.41 -19.17 6.55
N GLY A 262 -15.61 -18.31 7.14
CA GLY A 262 -14.23 -18.67 7.48
C GLY A 262 -14.01 -20.02 8.12
N PRO A 263 -14.66 -20.25 9.28
CA PRO A 263 -14.46 -21.50 10.05
C PRO A 263 -14.64 -22.84 9.29
N THR A 264 -15.55 -22.88 8.32
CA THR A 264 -15.74 -24.08 7.53
C THR A 264 -14.98 -24.10 6.17
N LEU A 265 -14.08 -23.16 5.98
CA LEU A 265 -13.15 -23.23 4.84
C LEU A 265 -12.17 -24.41 4.97
N PRO A 266 -11.81 -25.03 3.83
CA PRO A 266 -10.87 -26.17 3.76
C PRO A 266 -9.51 -25.87 4.39
N ASP A 267 -8.86 -26.91 4.88
CA ASP A 267 -7.47 -26.77 5.34
C ASP A 267 -6.55 -26.52 4.13
N ILE A 268 -5.41 -25.91 4.38
CA ILE A 268 -4.45 -25.77 3.30
C ILE A 268 -3.20 -26.50 3.77
N SER A 269 -2.72 -27.46 2.98
CA SER A 269 -1.51 -28.17 3.47
C SER A 269 -0.34 -27.94 2.53
N PHE A 270 0.85 -27.90 3.09
CA PHE A 270 2.09 -27.64 2.40
C PHE A 270 2.90 -28.89 2.57
N HIS A 271 3.30 -29.49 1.46
CA HIS A 271 4.02 -30.77 1.50
C HIS A 271 5.54 -30.54 1.47
N LEU A 272 6.17 -30.69 2.65
CA LEU A 272 7.55 -30.36 2.83
C LEU A 272 8.32 -31.52 3.44
N GLY A 273 9.48 -31.84 2.85
CA GLY A 273 10.36 -32.91 3.38
C GLY A 273 9.64 -34.21 3.73
N GLY A 274 8.65 -34.58 2.91
CA GLY A 274 7.93 -35.83 3.14
C GLY A 274 6.73 -35.73 4.09
N LYS A 275 6.47 -34.56 4.68
CA LYS A 275 5.35 -34.42 5.63
C LYS A 275 4.31 -33.37 5.21
N GLU A 276 3.17 -33.36 5.90
CA GLU A 276 2.09 -32.46 5.56
C GLU A 276 2.06 -31.39 6.64
N TYR A 277 2.20 -30.13 6.24
CA TYR A 277 2.13 -29.00 7.19
C TYR A 277 0.85 -28.31 6.88
N THR A 278 -0.09 -28.43 7.80
CA THR A 278 -1.49 -28.06 7.58
C THR A 278 -1.80 -26.83 8.39
N LEU A 279 -2.41 -25.83 7.78
CA LEU A 279 -2.89 -24.71 8.53
C LEU A 279 -4.36 -24.78 8.27
N THR A 280 -5.14 -24.71 9.33
CA THR A 280 -6.60 -24.70 9.14
C THR A 280 -7.06 -23.26 8.95
N SER A 281 -8.32 -23.09 8.61
CA SER A 281 -8.88 -21.75 8.44
C SER A 281 -8.83 -20.92 9.71
N ALA A 282 -8.58 -21.55 10.84
CA ALA A 282 -8.39 -20.73 12.00
C ALA A 282 -6.94 -20.17 12.00
N ASP A 283 -6.06 -20.88 11.33
CA ASP A 283 -4.69 -20.39 11.30
C ASP A 283 -4.57 -19.26 10.30
N TYR A 284 -5.46 -19.24 9.30
CA TYR A 284 -5.28 -18.27 8.16
C TYR A 284 -6.39 -17.18 7.87
N VAL A 285 -7.51 -17.17 8.60
CA VAL A 285 -8.51 -16.08 8.44
C VAL A 285 -8.36 -15.14 9.62
N PHE A 286 -8.30 -13.83 9.41
CA PHE A 286 -8.40 -12.95 10.58
C PHE A 286 -9.88 -12.84 10.92
N GLN A 287 -10.33 -13.56 11.93
CA GLN A 287 -11.78 -13.61 12.13
C GLN A 287 -12.15 -12.44 13.04
N GLU A 288 -12.37 -11.26 12.48
CA GLU A 288 -12.68 -10.13 13.33
C GLU A 288 -14.13 -10.14 13.90
N SER A 289 -15.03 -10.81 13.20
CA SER A 289 -16.28 -11.25 13.72
C SER A 289 -16.59 -12.55 12.97
N TYR A 290 -17.80 -13.12 13.19
CA TYR A 290 -18.35 -14.20 12.38
C TYR A 290 -19.61 -13.81 11.65
N SER A 291 -19.77 -12.51 11.47
CA SER A 291 -20.97 -12.03 10.81
C SER A 291 -20.95 -12.25 9.32
N SER A 292 -22.13 -12.51 8.75
CA SER A 292 -22.24 -12.84 7.34
C SER A 292 -22.44 -11.59 6.55
N LYS A 293 -22.31 -10.46 7.22
CA LYS A 293 -22.47 -9.21 6.56
C LYS A 293 -21.16 -8.41 6.55
N LYS A 294 -20.09 -9.06 7.04
CA LYS A 294 -18.75 -8.50 7.12
C LYS A 294 -17.83 -9.34 6.29
N LEU A 295 -16.69 -8.76 5.90
CA LEU A 295 -15.68 -9.44 5.15
C LEU A 295 -14.43 -9.63 5.98
N CYS A 296 -13.90 -10.85 6.03
CA CYS A 296 -12.67 -11.07 6.78
C CYS A 296 -11.40 -11.35 5.92
N THR A 297 -10.28 -10.72 6.26
CA THR A 297 -9.02 -10.89 5.53
C THR A 297 -8.37 -12.26 5.71
N LEU A 298 -7.86 -12.83 4.60
CA LEU A 298 -6.97 -14.00 4.72
C LEU A 298 -5.52 -13.56 4.89
N ALA A 299 -4.74 -14.31 5.63
CA ALA A 299 -3.32 -14.04 5.82
C ALA A 299 -2.48 -14.68 4.69
N ILE A 300 -2.92 -14.50 3.47
CA ILE A 300 -2.29 -15.13 2.33
C ILE A 300 -2.44 -14.16 1.21
N HIS A 301 -1.44 -13.99 0.33
CA HIS A 301 -1.63 -13.08 -0.78
C HIS A 301 -0.65 -13.49 -1.89
N ALA A 302 -0.74 -12.84 -3.04
CA ALA A 302 0.13 -13.12 -4.17
C ALA A 302 1.34 -12.23 -4.02
N MET A 303 2.52 -12.80 -4.24
CA MET A 303 3.72 -11.99 -4.47
C MET A 303 4.57 -12.68 -5.55
N ASP A 304 4.68 -12.10 -6.76
CA ASP A 304 5.56 -12.67 -7.78
C ASP A 304 7.04 -12.30 -7.53
N ILE A 305 7.78 -13.25 -6.98
CA ILE A 305 9.14 -13.03 -6.59
C ILE A 305 9.97 -13.38 -7.82
N PRO A 306 10.74 -12.38 -8.31
CA PRO A 306 11.41 -12.57 -9.61
C PRO A 306 12.66 -13.44 -9.49
N PRO A 307 13.07 -14.04 -10.61
CA PRO A 307 14.33 -14.82 -10.62
C PRO A 307 15.54 -14.00 -10.13
N PRO A 308 16.61 -14.66 -9.65
CA PRO A 308 16.74 -16.13 -9.56
C PRO A 308 16.02 -16.70 -8.29
N THR A 309 15.73 -15.86 -7.29
CA THR A 309 15.12 -16.42 -6.07
C THR A 309 13.69 -16.98 -6.26
N GLY A 310 12.86 -16.35 -7.08
CA GLY A 310 11.55 -16.89 -7.48
C GLY A 310 11.53 -17.45 -8.90
N PRO A 311 10.36 -17.94 -9.39
CA PRO A 311 9.07 -18.01 -8.74
C PRO A 311 9.16 -18.86 -7.55
N THR A 312 8.53 -18.42 -6.47
CA THR A 312 8.61 -19.17 -5.25
C THR A 312 7.45 -18.76 -4.34
N TRP A 313 7.01 -19.70 -3.52
CA TRP A 313 6.15 -19.33 -2.38
C TRP A 313 6.99 -18.73 -1.30
N ALA A 314 6.34 -18.01 -0.41
CA ALA A 314 7.08 -17.68 0.80
C ALA A 314 6.25 -18.06 2.02
N LEU A 315 6.88 -18.66 3.01
CA LEU A 315 6.13 -19.08 4.18
C LEU A 315 6.46 -18.08 5.26
N GLY A 316 5.52 -17.19 5.54
CA GLY A 316 5.78 -16.06 6.39
C GLY A 316 5.13 -16.35 7.73
N ALA A 317 4.77 -15.30 8.49
CA ALA A 317 4.23 -15.44 9.89
C ALA A 317 2.98 -16.32 10.01
N THR A 318 2.11 -16.30 9.00
CA THR A 318 0.93 -17.14 9.05
C THR A 318 1.43 -18.55 9.30
N PHE A 319 2.60 -18.91 8.76
CA PHE A 319 3.04 -20.32 8.77
C PHE A 319 3.86 -20.54 10.00
N ILE A 320 4.66 -19.56 10.34
CA ILE A 320 5.60 -19.69 11.40
C ILE A 320 4.90 -19.66 12.74
N ARG A 321 3.77 -18.98 12.81
CA ARG A 321 2.91 -19.04 13.98
C ARG A 321 2.60 -20.49 14.33
N LYS A 322 2.24 -21.29 13.37
CA LYS A 322 2.01 -22.66 13.68
C LYS A 322 3.28 -23.48 13.81
N PHE A 323 4.31 -23.17 13.08
CA PHE A 323 5.48 -24.05 13.21
C PHE A 323 6.70 -23.29 13.66
N TYR A 324 7.15 -23.59 14.88
CA TYR A 324 8.41 -23.06 15.37
C TYR A 324 9.49 -23.37 14.31
N THR A 325 10.37 -22.42 14.01
CA THR A 325 11.33 -22.65 12.91
C THR A 325 12.75 -22.40 13.34
N GLU A 326 13.59 -23.37 13.09
CA GLU A 326 14.99 -23.25 13.37
C GLU A 326 15.79 -23.14 12.06
N PHE A 327 16.65 -22.12 11.96
CA PHE A 327 17.49 -21.89 10.77
C PHE A 327 18.90 -22.35 11.11
N ASP A 328 19.38 -23.39 10.45
CA ASP A 328 20.60 -24.05 10.83
C ASP A 328 21.66 -23.79 9.78
N ARG A 329 22.55 -22.84 10.04
CA ARG A 329 23.63 -22.49 9.10
C ARG A 329 24.73 -23.52 9.04
N ARG A 330 25.00 -24.20 10.15
CA ARG A 330 26.02 -25.26 10.13
C ARG A 330 25.70 -26.34 9.09
N ASN A 331 24.48 -26.88 9.12
CA ASN A 331 24.09 -28.02 8.26
C ASN A 331 23.25 -27.65 7.05
N ASN A 332 23.14 -26.34 6.74
CA ASN A 332 22.29 -25.84 5.68
C ASN A 332 20.92 -26.48 5.62
N ARG A 333 20.14 -26.33 6.66
CA ARG A 333 18.80 -26.93 6.67
C ARG A 333 17.87 -26.12 7.51
N ILE A 334 16.59 -26.46 7.47
CA ILE A 334 15.60 -25.77 8.28
C ILE A 334 14.86 -26.85 9.03
N GLY A 335 14.64 -26.60 10.32
CA GLY A 335 13.75 -27.47 11.09
C GLY A 335 12.47 -26.78 11.51
N PHE A 336 11.40 -27.58 11.42
CA PHE A 336 10.07 -27.22 11.87
C PHE A 336 9.60 -28.20 12.98
N ALA A 337 8.95 -27.65 14.01
CA ALA A 337 8.20 -28.41 15.02
C ALA A 337 6.96 -27.60 15.42
N LEU A 338 5.93 -28.27 15.90
CA LEU A 338 4.71 -27.59 16.33
C LEU A 338 4.97 -26.52 17.38
N ALA A 339 4.58 -25.27 17.12
CA ALA A 339 4.74 -24.24 18.13
C ALA A 339 3.73 -24.40 19.29
N ARG A 340 4.16 -24.01 20.47
CA ARG A 340 3.25 -23.84 21.58
C ARG A 340 3.64 -22.61 22.43
N LEU B 3 -27.96 37.11 -13.86
CA LEU B 3 -28.21 35.99 -12.87
C LEU B 3 -26.92 35.54 -12.12
N GLY B 4 -26.11 34.69 -12.77
CA GLY B 4 -24.88 34.17 -12.18
C GLY B 4 -23.64 34.54 -12.98
N ASN B 5 -22.70 35.21 -12.31
CA ASN B 5 -21.47 35.74 -12.90
C ASN B 5 -20.24 34.86 -12.53
N THR B 6 -20.35 34.10 -11.43
CA THR B 6 -19.21 33.51 -10.71
C THR B 6 -18.48 32.28 -11.32
N THR B 7 -17.15 32.39 -11.42
CA THR B 7 -16.26 31.25 -11.60
C THR B 7 -15.27 31.42 -10.47
N SER B 8 -14.94 30.31 -9.81
CA SER B 8 -14.09 30.30 -8.63
C SER B 8 -12.96 29.31 -8.86
N SER B 9 -11.72 29.71 -8.62
CA SER B 9 -10.55 28.80 -8.80
C SER B 9 -9.98 28.27 -7.50
N VAL B 10 -9.82 26.95 -7.42
CA VAL B 10 -9.12 26.31 -6.31
C VAL B 10 -7.80 25.71 -6.79
N ILE B 11 -6.69 26.18 -6.23
CA ILE B 11 -5.34 25.74 -6.61
C ILE B 11 -5.10 24.37 -6.01
N LEU B 12 -4.56 23.44 -6.79
CA LEU B 12 -4.24 22.13 -6.19
C LEU B 12 -2.73 21.84 -5.98
N THR B 13 -2.39 21.11 -4.92
CA THR B 13 -1.04 20.55 -4.80
C THR B 13 -1.01 19.21 -5.50
N ASN B 14 0.02 18.97 -6.33
CA ASN B 14 0.33 17.66 -6.86
C ASN B 14 1.39 16.96 -5.96
N TYR B 15 0.98 15.95 -5.21
CA TYR B 15 2.00 15.12 -4.54
C TYR B 15 2.30 13.85 -5.36
N MET B 16 3.50 13.83 -5.93
CA MET B 16 4.07 12.65 -6.60
C MET B 16 3.19 12.12 -7.75
N ASP B 17 2.33 12.99 -8.29
CA ASP B 17 1.50 12.64 -9.42
C ASP B 17 0.48 11.63 -9.04
N THR B 18 0.30 11.40 -7.74
CA THR B 18 -0.72 10.44 -7.30
C THR B 18 -1.81 10.99 -6.39
N GLN B 19 -1.53 12.10 -5.69
CA GLN B 19 -2.47 12.76 -4.76
C GLN B 19 -2.53 14.26 -5.07
N TYR B 20 -3.74 14.73 -5.40
CA TYR B 20 -3.93 16.10 -5.92
C TYR B 20 -5.01 16.66 -5.03
N TYR B 21 -4.72 17.74 -4.32
CA TYR B 21 -5.66 18.21 -3.30
C TYR B 21 -5.57 19.73 -3.11
N GLY B 22 -6.63 20.30 -2.54
CA GLY B 22 -6.67 21.73 -2.30
C GLY B 22 -7.30 21.98 -0.97
N GLU B 23 -7.31 23.25 -0.61
CA GLU B 23 -7.69 23.71 0.71
C GLU B 23 -9.14 24.11 0.66
N ILE B 24 -9.93 23.61 1.60
CA ILE B 24 -11.23 24.20 1.89
C ILE B 24 -11.17 24.83 3.27
N GLY B 25 -12.15 25.68 3.60
CA GLY B 25 -12.23 26.27 4.93
C GLY B 25 -13.58 25.90 5.52
N ILE B 26 -13.58 25.41 6.76
CA ILE B 26 -14.85 25.09 7.44
C ILE B 26 -15.04 25.93 8.73
N GLY B 27 -16.25 26.49 8.85
CA GLY B 27 -16.70 27.29 9.99
C GLY B 27 -16.32 28.76 10.00
N THR B 28 -16.81 29.47 11.03
CA THR B 28 -16.21 30.76 11.50
C THR B 28 -15.65 30.64 12.95
N PRO B 29 -14.36 31.00 13.13
CA PRO B 29 -13.53 31.38 11.97
C PRO B 29 -13.33 30.11 11.07
N PRO B 30 -12.90 30.27 9.79
CA PRO B 30 -12.72 29.06 8.93
C PRO B 30 -11.49 28.17 9.30
N GLN B 31 -11.76 26.92 9.63
CA GLN B 31 -10.75 25.89 9.92
C GLN B 31 -10.30 25.24 8.61
N THR B 32 -9.01 25.34 8.31
CA THR B 32 -8.43 24.89 7.05
C THR B 32 -8.21 23.34 6.96
N PHE B 33 -8.54 22.78 5.79
CA PHE B 33 -8.31 21.34 5.50
C PHE B 33 -7.79 21.09 4.09
N LYS B 34 -6.90 20.13 3.94
CA LYS B 34 -6.50 19.70 2.61
C LYS B 34 -7.47 18.61 2.15
N VAL B 35 -8.01 18.79 0.93
CA VAL B 35 -9.02 17.88 0.39
C VAL B 35 -8.80 17.45 -1.04
N VAL B 36 -9.10 16.16 -1.29
CA VAL B 36 -9.25 15.60 -2.63
C VAL B 36 -10.67 15.88 -3.14
N PHE B 37 -10.77 16.36 -4.34
CA PHE B 37 -12.05 16.60 -4.97
C PHE B 37 -12.34 15.41 -5.92
N ASP B 38 -13.27 14.58 -5.52
CA ASP B 38 -13.41 13.23 -6.05
C ASP B 38 -14.74 13.08 -6.77
N THR B 39 -14.75 13.20 -8.11
CA THR B 39 -15.95 12.98 -8.91
C THR B 39 -16.49 11.53 -8.81
N GLY B 40 -15.71 10.63 -8.19
CA GLY B 40 -16.15 9.24 -8.02
C GLY B 40 -16.90 9.00 -6.70
N SER B 41 -17.03 10.01 -5.85
CA SER B 41 -17.97 9.88 -4.73
C SER B 41 -18.75 11.19 -4.56
N SER B 42 -19.58 11.27 -3.52
CA SER B 42 -20.56 12.37 -3.36
C SER B 42 -20.63 12.94 -1.96
N ASN B 43 -19.85 12.40 -1.01
CA ASN B 43 -19.84 12.86 0.39
C ASN B 43 -18.64 13.75 0.71
N VAL B 44 -18.86 14.69 1.63
CA VAL B 44 -17.79 15.55 2.17
C VAL B 44 -17.45 15.07 3.56
N TRP B 45 -16.15 14.93 3.85
CA TRP B 45 -15.72 14.55 5.21
C TRP B 45 -14.36 15.09 5.59
N VAL B 46 -14.18 15.33 6.88
CA VAL B 46 -12.88 15.72 7.40
C VAL B 46 -12.68 14.97 8.71
N PRO B 47 -11.45 14.94 9.22
CA PRO B 47 -11.31 14.23 10.46
C PRO B 47 -11.84 15.09 11.60
N SER B 48 -12.43 14.45 12.61
CA SER B 48 -13.12 15.08 13.75
C SER B 48 -12.19 15.37 14.91
N SER B 49 -12.49 16.40 15.71
CA SER B 49 -11.73 16.68 16.95
C SER B 49 -11.96 15.49 17.90
N LYS B 50 -13.13 14.86 17.70
CA LYS B 50 -13.66 13.76 18.51
C LYS B 50 -13.11 12.41 18.10
N CYS B 51 -11.90 12.43 17.54
CA CYS B 51 -11.27 11.21 17.06
C CYS B 51 -10.31 10.68 18.10
N SER B 52 -10.61 9.49 18.62
CA SER B 52 -9.74 8.84 19.60
C SER B 52 -8.31 8.77 19.08
N ARG B 53 -7.42 9.53 19.72
CA ARG B 53 -6.02 9.58 19.31
C ARG B 53 -5.50 8.22 18.84
N LEU B 54 -6.00 7.15 19.47
CA LEU B 54 -5.55 5.79 19.14
C LEU B 54 -5.89 5.34 17.66
N TYR B 55 -6.01 6.36 16.80
CA TYR B 55 -6.17 6.25 15.36
C TYR B 55 -5.11 7.20 14.94
N THR B 56 -3.95 6.67 14.55
CA THR B 56 -2.78 7.49 14.29
C THR B 56 -3.07 8.45 13.17
N ALA B 57 -3.92 8.02 12.25
CA ALA B 57 -4.28 8.82 11.08
C ALA B 57 -4.92 10.16 11.48
N CYS B 58 -5.79 10.12 12.52
CA CYS B 58 -6.28 11.32 13.24
C CYS B 58 -5.21 12.29 13.74
N VAL B 59 -4.26 11.80 14.55
CA VAL B 59 -3.12 12.58 15.00
C VAL B 59 -2.32 13.19 13.83
N TYR B 60 -2.16 12.46 12.74
CA TYR B 60 -1.32 12.86 11.60
C TYR B 60 -1.92 14.02 10.78
N HIS B 61 -3.26 14.08 10.80
CA HIS B 61 -4.03 15.02 9.98
C HIS B 61 -4.78 16.14 10.73
N LYS B 62 -5.19 17.19 9.99
CA LYS B 62 -5.93 18.32 10.55
C LYS B 62 -7.26 17.92 11.15
N LEU B 63 -7.63 18.53 12.27
CA LEU B 63 -8.88 18.12 12.89
C LEU B 63 -9.97 19.21 12.81
N PHE B 64 -11.23 18.77 12.83
CA PHE B 64 -12.32 19.72 12.96
C PHE B 64 -12.92 19.82 14.39
N ASP B 65 -12.85 21.04 14.94
CA ASP B 65 -13.39 21.36 16.26
C ASP B 65 -14.78 22.00 16.13
N ALA B 66 -15.81 21.18 16.31
CA ALA B 66 -17.19 21.66 16.25
C ALA B 66 -17.44 22.86 17.16
N SER B 67 -17.06 22.72 18.43
CA SER B 67 -17.17 23.83 19.35
C SER B 67 -15.91 24.69 19.22
N ASP B 68 -15.73 25.24 18.04
CA ASP B 68 -14.81 26.34 17.80
C ASP B 68 -15.33 27.15 16.65
N SER B 69 -16.55 26.83 16.24
CA SER B 69 -17.19 27.59 15.17
C SER B 69 -18.59 28.06 15.54
N SER B 70 -18.85 29.34 15.26
CA SER B 70 -20.16 29.98 15.47
C SER B 70 -21.20 29.30 14.57
N SER B 71 -20.74 28.88 13.40
CA SER B 71 -21.57 28.48 12.30
C SER B 71 -22.03 27.00 12.39
N TYR B 72 -21.40 26.24 13.30
CA TYR B 72 -21.66 24.79 13.44
C TYR B 72 -23.12 24.56 13.79
N LYS B 73 -23.67 23.40 13.45
CA LYS B 73 -25.04 23.10 13.83
C LYS B 73 -25.22 21.58 13.90
N HIS B 74 -25.34 21.08 15.13
CA HIS B 74 -25.36 19.64 15.44
C HIS B 74 -26.26 18.82 14.56
N ASN B 75 -25.83 17.60 14.25
CA ASN B 75 -26.73 16.62 13.69
C ASN B 75 -26.56 15.23 14.27
N GLY B 76 -25.31 14.74 14.22
CA GLY B 76 -24.95 13.46 14.84
C GLY B 76 -25.58 12.21 14.26
N THR B 77 -26.18 12.29 13.08
CA THR B 77 -26.61 11.08 12.39
C THR B 77 -25.37 10.32 11.98
N GLU B 78 -25.41 9.02 12.18
CA GLU B 78 -24.21 8.21 12.05
C GLU B 78 -23.92 7.81 10.60
N LEU B 79 -22.65 7.85 10.24
CA LEU B 79 -22.21 7.83 8.84
C LEU B 79 -21.06 6.85 8.57
N THR B 80 -21.27 5.94 7.62
CA THR B 80 -20.21 5.04 7.15
C THR B 80 -19.95 5.23 5.66
N LEU B 81 -18.66 5.34 5.30
CA LEU B 81 -18.21 5.55 3.93
C LEU B 81 -17.20 4.47 3.55
N ARG B 82 -17.54 3.63 2.57
CA ARG B 82 -16.65 2.53 2.19
C ARG B 82 -15.99 2.79 0.83
N TYR B 83 -14.71 3.16 0.85
CA TYR B 83 -13.92 3.29 -0.36
C TYR B 83 -13.17 2.02 -0.76
N SER B 84 -12.53 2.08 -1.93
CA SER B 84 -11.69 0.99 -2.45
C SER B 84 -10.55 0.79 -1.47
N THR B 85 -10.14 1.89 -0.82
CA THR B 85 -8.99 1.91 0.08
C THR B 85 -9.33 1.56 1.52
N GLY B 86 -10.59 1.63 1.87
CA GLY B 86 -10.93 1.28 3.24
C GLY B 86 -12.25 1.92 3.63
N THR B 87 -12.55 1.86 4.93
CA THR B 87 -13.74 2.42 5.53
C THR B 87 -13.44 3.53 6.54
N VAL B 88 -14.07 4.66 6.32
CA VAL B 88 -14.11 5.76 7.26
C VAL B 88 -15.51 5.86 7.93
N SER B 89 -15.57 6.14 9.23
CA SER B 89 -16.83 6.23 9.97
C SER B 89 -16.90 7.45 10.86
N GLY B 90 -18.11 8.00 11.01
CA GLY B 90 -18.34 9.24 11.80
C GLY B 90 -19.81 9.62 11.94
N PHE B 91 -20.09 10.92 11.84
CA PHE B 91 -21.47 11.46 11.99
C PHE B 91 -21.56 12.84 11.30
N LEU B 92 -22.78 13.18 10.87
CA LEU B 92 -23.05 14.42 10.13
C LEU B 92 -23.03 15.65 10.99
N SER B 93 -22.32 16.68 10.52
CA SER B 93 -22.33 18.00 11.08
C SER B 93 -22.78 18.95 9.97
N GLN B 94 -22.96 20.24 10.31
CA GLN B 94 -23.27 21.25 9.32
C GLN B 94 -22.43 22.49 9.52
N ASP B 95 -22.06 23.18 8.44
CA ASP B 95 -21.30 24.40 8.59
C ASP B 95 -20.94 25.11 7.28
N ILE B 96 -20.33 26.27 7.42
CA ILE B 96 -20.03 27.13 6.33
C ILE B 96 -18.71 26.61 5.72
N ILE B 97 -18.78 26.14 4.48
CA ILE B 97 -17.54 25.70 3.81
C ILE B 97 -17.16 26.69 2.75
N THR B 98 -15.93 27.16 2.73
CA THR B 98 -15.57 28.04 1.65
C THR B 98 -14.69 27.37 0.61
N VAL B 99 -15.15 27.34 -0.64
CA VAL B 99 -14.37 26.77 -1.74
C VAL B 99 -13.96 27.88 -2.70
N GLY B 100 -12.74 28.36 -2.57
CA GLY B 100 -12.29 29.61 -3.22
C GLY B 100 -13.22 30.81 -2.98
N GLY B 101 -13.52 31.54 -4.06
CA GLY B 101 -14.55 32.58 -4.01
C GLY B 101 -15.78 32.20 -3.16
N ILE B 102 -16.23 30.95 -3.27
CA ILE B 102 -17.58 30.60 -2.88
C ILE B 102 -17.63 30.08 -1.46
N THR B 103 -18.83 30.14 -0.88
CA THR B 103 -19.11 29.78 0.49
C THR B 103 -20.44 29.20 0.50
N VAL B 104 -20.62 28.14 1.22
CA VAL B 104 -21.87 27.47 1.14
C VAL B 104 -22.08 26.72 2.40
N THR B 105 -23.32 26.33 2.62
CA THR B 105 -23.70 25.72 3.86
C THR B 105 -23.97 24.26 3.60
N GLN B 106 -23.10 23.43 4.15
CA GLN B 106 -23.12 22.03 3.84
C GLN B 106 -23.23 21.11 4.99
N MET B 107 -23.73 19.94 4.73
CA MET B 107 -23.69 18.90 5.69
C MET B 107 -22.55 17.96 5.35
N PHE B 108 -21.53 17.96 6.17
CA PHE B 108 -20.36 17.10 6.00
C PHE B 108 -20.24 16.01 7.05
N GLY B 109 -19.18 15.23 6.95
CA GLY B 109 -18.97 14.14 7.89
C GLY B 109 -17.81 14.49 8.80
N GLU B 110 -18.03 14.32 10.10
CA GLU B 110 -16.93 14.42 11.06
C GLU B 110 -16.47 12.97 11.27
N VAL B 111 -15.21 12.69 10.96
CA VAL B 111 -14.76 11.31 10.95
C VAL B 111 -14.08 10.94 12.26
N THR B 112 -14.47 9.79 12.82
CA THR B 112 -13.95 9.36 14.11
C THR B 112 -13.11 8.09 14.04
N GLU B 113 -13.51 7.14 13.17
CA GLU B 113 -12.68 5.97 12.80
C GLU B 113 -11.99 6.21 11.47
N MET B 114 -10.66 6.15 11.50
CA MET B 114 -9.83 6.29 10.30
C MET B 114 -8.67 5.28 10.28
N PRO B 115 -8.81 4.15 9.55
CA PRO B 115 -7.72 3.16 9.55
C PRO B 115 -6.39 3.71 9.03
N ALA B 116 -5.32 3.36 9.75
CA ALA B 116 -3.97 3.82 9.47
C ALA B 116 -3.57 3.35 8.08
N LEU B 117 -3.93 2.09 7.77
CA LEU B 117 -4.01 1.62 6.40
C LEU B 117 -5.42 1.97 5.82
N PRO B 118 -5.49 2.99 4.92
CA PRO B 118 -4.48 3.70 4.14
C PRO B 118 -4.18 5.13 4.57
N PHE B 119 -4.88 5.66 5.55
CA PHE B 119 -4.82 7.10 5.71
C PHE B 119 -3.53 7.71 6.22
N MET B 120 -2.61 6.89 6.73
CA MET B 120 -1.22 7.34 7.07
C MET B 120 -0.37 7.66 5.85
N LEU B 121 -0.89 7.23 4.71
CA LEU B 121 -0.29 7.43 3.39
C LEU B 121 -0.99 8.56 2.65
N ALA B 122 -2.07 9.08 3.23
CA ALA B 122 -2.71 10.24 2.64
C ALA B 122 -1.97 11.51 3.01
N GLU B 123 -1.74 12.39 2.06
CA GLU B 123 -1.17 13.66 2.37
C GLU B 123 -2.22 14.68 2.51
N PHE B 124 -3.47 14.27 2.31
CA PHE B 124 -4.60 15.16 2.40
C PHE B 124 -5.36 14.74 3.65
N ASP B 125 -6.21 15.62 4.18
CA ASP B 125 -6.99 15.29 5.39
C ASP B 125 -8.31 14.62 5.05
N GLY B 126 -8.97 15.10 3.99
CA GLY B 126 -10.28 14.52 3.65
C GLY B 126 -10.72 14.61 2.20
N VAL B 127 -11.99 14.28 1.97
CA VAL B 127 -12.53 14.36 0.62
C VAL B 127 -13.78 15.22 0.42
N VAL B 128 -13.77 15.94 -0.69
CA VAL B 128 -14.95 16.63 -1.16
C VAL B 128 -15.52 15.87 -2.36
N GLY B 129 -16.59 15.11 -2.13
CA GLY B 129 -17.21 14.34 -3.20
C GLY B 129 -17.88 15.29 -4.19
N MET B 130 -17.71 15.02 -5.48
CA MET B 130 -18.12 15.89 -6.56
C MET B 130 -19.10 15.17 -7.48
N GLY B 131 -19.50 13.96 -7.08
CA GLY B 131 -20.50 13.19 -7.77
C GLY B 131 -21.94 13.57 -7.43
N PHE B 132 -22.86 12.73 -7.87
CA PHE B 132 -24.27 13.05 -7.75
C PHE B 132 -24.91 12.53 -6.45
N ILE B 133 -25.98 13.20 -6.00
CA ILE B 133 -26.77 12.76 -4.83
C ILE B 133 -27.17 11.30 -4.97
N GLU B 134 -27.31 10.81 -6.18
CA GLU B 134 -27.62 9.38 -6.36
C GLU B 134 -26.60 8.49 -5.64
N GLN B 135 -25.43 9.03 -5.31
CA GLN B 135 -24.36 8.16 -4.85
C GLN B 135 -23.93 8.53 -3.46
N ALA B 136 -24.54 9.57 -2.91
CA ALA B 136 -24.26 9.98 -1.54
C ALA B 136 -24.89 8.98 -0.60
N ILE B 137 -24.12 8.63 0.40
CA ILE B 137 -24.56 7.85 1.52
C ILE B 137 -25.38 8.75 2.43
N GLY B 138 -26.42 8.23 3.05
CA GLY B 138 -27.27 9.07 3.85
C GLY B 138 -28.02 10.11 3.05
N ARG B 139 -28.15 9.87 1.76
CA ARG B 139 -28.87 10.75 0.87
C ARG B 139 -28.49 12.22 1.03
N VAL B 140 -27.40 12.50 1.68
CA VAL B 140 -26.94 13.86 1.93
C VAL B 140 -26.67 14.74 0.69
N THR B 141 -27.05 16.01 0.68
CA THR B 141 -26.93 16.82 -0.54
C THR B 141 -25.46 17.22 -0.80
N PRO B 142 -24.93 16.92 -2.02
CA PRO B 142 -23.51 17.14 -2.27
C PRO B 142 -23.16 18.60 -2.44
N ILE B 143 -21.96 18.97 -2.04
CA ILE B 143 -21.52 20.35 -2.16
C ILE B 143 -21.71 21.06 -3.55
N PHE B 144 -21.75 20.34 -4.65
CA PHE B 144 -21.88 21.08 -5.90
C PHE B 144 -23.34 21.39 -6.06
N ASP B 145 -24.20 20.53 -5.53
CA ASP B 145 -25.64 20.76 -5.61
C ASP B 145 -25.98 22.01 -4.81
N ASN B 146 -25.44 22.11 -3.61
CA ASN B 146 -25.75 23.23 -2.77
C ASN B 146 -25.28 24.51 -3.45
N ILE B 147 -24.20 24.44 -4.24
CA ILE B 147 -23.67 25.63 -4.91
C ILE B 147 -24.51 26.01 -6.12
N ILE B 148 -25.06 24.99 -6.75
CA ILE B 148 -25.99 25.12 -7.88
C ILE B 148 -27.25 25.90 -7.45
N SER B 149 -27.80 25.52 -6.28
CA SER B 149 -28.89 26.23 -5.54
C SER B 149 -28.63 27.71 -5.16
N GLN B 150 -27.38 28.13 -5.02
CA GLN B 150 -27.10 29.56 -4.96
C GLN B 150 -27.34 30.16 -6.35
N GLY B 151 -27.32 31.45 -6.50
CA GLY B 151 -27.65 31.83 -7.86
C GLY B 151 -26.42 31.98 -8.67
N VAL B 152 -25.29 31.52 -8.13
CA VAL B 152 -24.04 32.26 -8.34
C VAL B 152 -23.21 31.88 -9.55
N LEU B 153 -23.20 30.59 -9.90
CA LEU B 153 -22.26 30.11 -10.89
C LEU B 153 -22.58 30.61 -12.27
N LYS B 154 -21.53 30.88 -13.02
CA LYS B 154 -21.66 31.31 -14.38
C LYS B 154 -22.33 30.25 -15.27
N GLU B 155 -21.88 28.99 -15.18
CA GLU B 155 -22.55 27.83 -15.80
C GLU B 155 -22.49 26.68 -14.79
N ASP B 156 -23.46 25.77 -14.75
CA ASP B 156 -23.40 24.68 -13.78
C ASP B 156 -22.42 23.54 -14.14
N VAL B 157 -21.15 23.84 -13.94
CA VAL B 157 -20.05 23.08 -14.54
C VAL B 157 -18.88 23.26 -13.58
N PHE B 158 -17.98 22.27 -13.59
CA PHE B 158 -16.68 22.42 -12.95
C PHE B 158 -15.70 21.62 -13.75
N SER B 159 -14.43 22.03 -13.72
CA SER B 159 -13.42 21.41 -14.56
C SER B 159 -12.06 21.23 -13.85
N PHE B 160 -11.23 20.31 -14.35
CA PHE B 160 -10.03 19.89 -13.62
C PHE B 160 -8.83 19.98 -14.56
N TYR B 161 -7.80 20.73 -14.15
CA TYR B 161 -6.50 20.67 -14.77
C TYR B 161 -5.64 19.95 -13.73
N TYR B 162 -4.90 18.95 -14.16
CA TYR B 162 -3.99 18.24 -13.29
C TYR B 162 -2.58 18.34 -13.91
N ASN B 163 -1.67 19.00 -13.24
CA ASN B 163 -0.30 19.12 -13.77
C ASN B 163 0.54 17.89 -13.49
N ARG B 164 1.58 17.68 -14.30
CA ARG B 164 2.51 16.57 -14.11
C ARG B 164 3.63 17.04 -13.20
N ASP B 165 4.08 16.18 -12.30
CA ASP B 165 5.01 16.58 -11.26
C ASP B 165 6.27 17.24 -11.76
N SER B 166 6.54 18.41 -11.22
CA SER B 166 7.74 19.16 -11.52
C SER B 166 8.48 19.28 -10.23
N GLU B 167 9.60 19.98 -10.24
CA GLU B 167 10.32 20.30 -9.02
C GLU B 167 10.27 21.78 -8.82
N ASN B 168 9.17 22.36 -9.24
CA ASN B 168 9.05 23.78 -9.21
C ASN B 168 8.72 24.32 -7.83
N SER B 169 9.62 25.15 -7.32
CA SER B 169 9.32 25.89 -6.13
C SER B 169 8.04 26.60 -6.47
N GLN B 170 7.50 26.27 -7.63
CA GLN B 170 6.28 26.92 -8.06
C GLN B 170 5.39 26.06 -8.95
N SER B 171 5.47 26.20 -10.27
CA SER B 171 4.53 25.53 -11.16
C SER B 171 3.42 24.80 -10.43
N LEU B 172 2.20 25.29 -10.48
CA LEU B 172 1.13 24.69 -9.73
C LEU B 172 0.59 23.48 -10.34
N GLY B 173 0.28 22.83 -9.19
CA GLY B 173 0.10 21.38 -9.11
C GLY B 173 -1.13 20.89 -9.87
N GLY B 174 -2.17 21.71 -9.83
CA GLY B 174 -3.37 21.48 -10.58
C GLY B 174 -4.33 22.60 -10.25
N GLN B 175 -5.54 22.52 -10.81
CA GLN B 175 -6.62 23.53 -10.57
C GLN B 175 -8.01 23.03 -10.88
N ILE B 176 -8.92 23.33 -9.96
CA ILE B 176 -10.36 23.17 -10.12
C ILE B 176 -10.99 24.52 -10.36
N VAL B 177 -11.88 24.55 -11.34
CA VAL B 177 -12.67 25.72 -11.61
C VAL B 177 -14.12 25.33 -11.37
N LEU B 178 -14.76 26.08 -10.49
CA LEU B 178 -16.23 25.96 -10.24
C LEU B 178 -16.92 27.03 -11.07
N GLY B 179 -17.65 26.57 -12.09
CA GLY B 179 -18.49 27.45 -12.85
C GLY B 179 -18.02 27.64 -14.26
N GLY B 180 -16.99 26.91 -14.66
CA GLY B 180 -16.51 27.05 -16.04
C GLY B 180 -15.18 26.38 -16.17
N SER B 181 -14.39 26.85 -17.13
CA SER B 181 -13.09 26.25 -17.40
C SER B 181 -12.05 27.28 -17.74
N ASP B 182 -10.78 26.91 -17.63
CA ASP B 182 -9.70 27.88 -17.76
C ASP B 182 -8.85 27.61 -18.98
N PRO B 183 -9.05 28.40 -20.04
CA PRO B 183 -8.41 28.11 -21.32
C PRO B 183 -6.89 28.33 -21.31
N GLN B 184 -6.36 28.80 -20.18
CA GLN B 184 -4.91 28.84 -19.97
C GLN B 184 -4.36 27.43 -19.81
N HIS B 185 -5.22 26.49 -19.42
CA HIS B 185 -4.78 25.10 -19.20
C HIS B 185 -5.27 24.07 -20.20
N TYR B 186 -5.95 24.54 -21.25
CA TYR B 186 -6.30 23.62 -22.34
C TYR B 186 -6.12 24.32 -23.66
N GLU B 187 -6.05 23.54 -24.70
CA GLU B 187 -5.97 24.11 -26.03
C GLU B 187 -7.08 23.54 -26.94
N GLY B 188 -7.36 24.21 -28.05
CA GLY B 188 -8.40 23.75 -28.98
C GLY B 188 -9.77 23.78 -28.29
N ASN B 189 -10.68 22.91 -28.73
CA ASN B 189 -12.03 22.91 -28.20
C ASN B 189 -12.33 21.67 -27.41
N PHE B 190 -13.35 21.72 -26.59
CA PHE B 190 -13.88 20.55 -25.98
C PHE B 190 -14.55 19.55 -26.91
N HIS B 191 -14.37 18.29 -26.61
CA HIS B 191 -15.16 17.27 -27.24
C HIS B 191 -16.12 16.77 -26.14
N TYR B 192 -17.44 16.90 -26.32
CA TYR B 192 -18.38 16.55 -25.25
C TYR B 192 -18.99 15.20 -25.45
N ILE B 193 -19.23 14.45 -24.38
CA ILE B 193 -19.69 13.09 -24.47
C ILE B 193 -20.85 12.93 -23.49
N ASN B 194 -21.96 12.29 -23.88
CA ASN B 194 -23.11 12.19 -22.94
C ASN B 194 -22.74 11.33 -21.81
N LEU B 195 -23.20 11.62 -20.61
CA LEU B 195 -23.28 10.58 -19.59
C LEU B 195 -24.24 9.44 -20.02
N ILE B 196 -23.92 8.21 -19.63
CA ILE B 196 -24.86 7.13 -19.85
C ILE B 196 -26.17 7.46 -19.09
N LYS B 197 -26.12 7.54 -17.76
CA LYS B 197 -27.24 8.12 -16.97
C LYS B 197 -26.82 9.35 -16.18
N THR B 198 -27.81 10.12 -15.70
CA THR B 198 -27.55 11.01 -14.54
C THR B 198 -27.23 10.10 -13.34
N GLY B 199 -26.51 10.65 -12.36
CA GLY B 199 -26.10 9.94 -11.16
C GLY B 199 -24.67 9.43 -11.03
N VAL B 200 -23.95 9.33 -12.15
CA VAL B 200 -22.61 8.75 -12.24
C VAL B 200 -21.82 9.54 -13.31
N TRP B 201 -20.62 10.01 -12.99
CA TRP B 201 -19.85 10.67 -14.06
C TRP B 201 -19.16 9.57 -14.89
N GLN B 202 -19.98 8.96 -15.73
CA GLN B 202 -19.64 7.73 -16.42
C GLN B 202 -20.09 7.79 -17.87
N ILE B 203 -19.20 7.49 -18.80
CA ILE B 203 -19.50 7.51 -20.23
C ILE B 203 -19.29 6.13 -20.85
N GLN B 204 -19.78 5.95 -22.08
CA GLN B 204 -19.60 4.72 -22.82
C GLN B 204 -18.21 4.77 -23.48
N MET B 205 -17.48 3.66 -23.46
CA MET B 205 -16.20 3.56 -24.18
C MET B 205 -16.34 2.46 -25.21
N LYS B 206 -15.88 2.68 -26.43
CA LYS B 206 -15.95 1.53 -27.36
C LYS B 206 -14.61 1.00 -27.85
N GLY B 207 -13.68 0.78 -26.94
CA GLY B 207 -12.46 0.14 -27.35
C GLY B 207 -11.27 0.70 -26.64
N VAL B 208 -10.34 -0.21 -26.37
CA VAL B 208 -9.06 0.14 -25.78
C VAL B 208 -8.09 -0.57 -26.71
N SER B 209 -7.23 0.22 -27.30
CA SER B 209 -6.24 -0.23 -28.26
C SER B 209 -4.83 -0.03 -27.69
N VAL B 210 -3.95 -0.97 -28.03
CA VAL B 210 -2.49 -0.87 -27.78
C VAL B 210 -1.88 -0.77 -29.18
N GLY B 211 -1.15 0.29 -29.46
CA GLY B 211 -0.74 0.54 -30.86
C GLY B 211 -2.02 0.66 -31.72
N SER B 212 -2.13 -0.10 -32.80
CA SER B 212 -3.30 0.02 -33.65
C SER B 212 -4.22 -1.15 -33.45
N SER B 213 -3.89 -2.04 -32.50
CA SER B 213 -4.70 -3.23 -32.28
C SER B 213 -5.69 -3.00 -31.18
N THR B 214 -6.97 -3.14 -31.51
CA THR B 214 -7.98 -3.13 -30.47
C THR B 214 -7.85 -4.40 -29.67
N LEU B 215 -7.81 -4.23 -28.36
CA LEU B 215 -7.42 -5.30 -27.48
C LEU B 215 -8.61 -5.75 -26.64
N LEU B 216 -9.39 -4.79 -26.16
CA LEU B 216 -10.43 -5.03 -25.15
C LEU B 216 -11.58 -4.13 -25.45
N CYS B 217 -12.68 -4.29 -24.68
CA CYS B 217 -13.84 -3.46 -24.78
C CYS B 217 -14.33 -3.33 -26.26
N GLU B 218 -14.28 -4.40 -27.05
CA GLU B 218 -14.59 -4.20 -28.48
C GLU B 218 -16.11 -4.13 -28.68
N ASP B 219 -16.85 -4.72 -27.73
CA ASP B 219 -18.33 -4.67 -27.79
C ASP B 219 -18.88 -3.59 -26.83
N GLY B 220 -18.02 -2.63 -26.49
CA GLY B 220 -18.38 -1.56 -25.60
C GLY B 220 -18.17 -1.93 -24.16
N CYS B 221 -17.90 -0.89 -23.37
CA CYS B 221 -17.79 -1.01 -21.93
C CYS B 221 -17.86 0.38 -21.37
N LEU B 222 -17.72 0.48 -20.05
CA LEU B 222 -17.87 1.70 -19.29
C LEU B 222 -16.57 2.42 -18.85
N ALA B 223 -16.65 3.74 -18.71
CA ALA B 223 -15.53 4.50 -18.19
C ALA B 223 -16.05 5.54 -17.22
N LEU B 224 -15.72 5.36 -15.96
CA LEU B 224 -15.96 6.35 -14.94
C LEU B 224 -14.86 7.40 -15.11
N VAL B 225 -15.21 8.68 -15.04
CA VAL B 225 -14.19 9.73 -15.16
C VAL B 225 -13.94 10.23 -13.79
N ASP B 226 -12.81 9.79 -13.20
CA ASP B 226 -12.71 9.75 -11.72
C ASP B 226 -11.59 10.61 -11.17
N THR B 227 -11.91 11.84 -10.80
CA THR B 227 -10.86 12.77 -10.48
C THR B 227 -10.19 12.34 -9.17
N GLY B 228 -10.77 11.36 -8.50
CA GLY B 228 -10.21 10.93 -7.21
C GLY B 228 -9.32 9.70 -7.34
N ALA B 229 -9.07 9.24 -8.56
CA ALA B 229 -8.28 8.03 -8.79
C ALA B 229 -6.95 8.51 -9.35
N SER B 230 -5.85 8.04 -8.73
CA SER B 230 -4.47 8.33 -9.15
C SER B 230 -4.24 7.80 -10.53
N TYR B 231 -4.70 6.59 -10.81
CA TYR B 231 -4.33 5.88 -11.99
C TYR B 231 -5.49 5.68 -12.97
N ILE B 232 -5.19 5.16 -14.14
CA ILE B 232 -6.24 4.54 -14.91
C ILE B 232 -6.36 3.09 -14.42
N SER B 233 -7.58 2.58 -14.30
CA SER B 233 -7.85 1.25 -13.79
C SER B 233 -8.80 0.54 -14.71
N GLY B 234 -8.69 -0.79 -14.77
CA GLY B 234 -9.65 -1.63 -15.47
C GLY B 234 -9.87 -2.84 -14.57
N SER B 235 -10.75 -3.75 -15.00
CA SER B 235 -11.02 -4.94 -14.25
C SER B 235 -9.71 -5.75 -14.15
N THR B 236 -9.61 -6.63 -13.16
CA THR B 236 -8.41 -7.47 -13.11
C THR B 236 -8.06 -8.11 -14.44
N SER B 237 -9.07 -8.65 -15.09
CA SER B 237 -8.81 -9.43 -16.26
C SER B 237 -8.50 -8.55 -17.47
N SER B 238 -9.04 -7.33 -17.48
CA SER B 238 -8.66 -6.39 -18.52
C SER B 238 -7.20 -5.96 -18.36
N ILE B 239 -6.80 -5.62 -17.14
CA ILE B 239 -5.48 -5.10 -16.90
C ILE B 239 -4.42 -6.19 -17.19
N GLU B 240 -4.74 -7.40 -16.81
CA GLU B 240 -3.96 -8.57 -17.17
C GLU B 240 -3.76 -8.70 -18.67
N LYS B 241 -4.80 -8.63 -19.48
CA LYS B 241 -4.53 -8.60 -20.90
C LYS B 241 -3.70 -7.37 -21.33
N LEU B 242 -4.07 -6.18 -20.84
CA LEU B 242 -3.32 -4.97 -21.22
C LEU B 242 -1.81 -5.07 -20.87
N MET B 243 -1.54 -5.48 -19.63
CA MET B 243 -0.21 -5.61 -19.13
C MET B 243 0.63 -6.66 -19.91
N GLU B 244 -0.02 -7.73 -20.35
CA GLU B 244 0.59 -8.72 -21.18
C GLU B 244 1.05 -8.11 -22.50
N ALA B 245 0.22 -7.28 -23.11
CA ALA B 245 0.52 -6.74 -24.43
C ALA B 245 1.70 -5.77 -24.37
N LEU B 246 1.90 -5.24 -23.16
CA LEU B 246 2.87 -4.21 -22.89
C LEU B 246 4.12 -4.86 -22.33
N GLY B 247 4.07 -6.16 -22.08
CA GLY B 247 5.20 -6.88 -21.52
C GLY B 247 5.59 -6.52 -20.09
N ALA B 248 4.63 -5.97 -19.34
CA ALA B 248 4.90 -5.44 -18.00
C ALA B 248 4.83 -6.61 -17.06
N LYS B 249 5.49 -6.49 -15.90
CA LYS B 249 5.50 -7.54 -14.86
C LYS B 249 4.82 -7.04 -13.61
N LYS B 250 4.14 -7.90 -12.90
CA LYS B 250 3.46 -7.42 -11.73
C LYS B 250 4.32 -7.41 -10.50
N ARG B 251 4.03 -6.45 -9.64
CA ARG B 251 4.66 -6.32 -8.35
C ARG B 251 3.60 -6.09 -7.26
N LEU B 252 4.01 -6.25 -6.04
CA LEU B 252 3.15 -6.02 -4.91
C LEU B 252 2.22 -4.81 -5.04
N PHE B 253 2.75 -3.64 -5.29
CA PHE B 253 1.93 -2.38 -5.35
C PHE B 253 1.56 -1.85 -6.74
N ASP B 254 2.27 -2.39 -7.74
CA ASP B 254 2.23 -1.89 -9.10
C ASP B 254 2.74 -2.92 -10.16
N TYR B 255 2.58 -2.53 -11.42
CA TYR B 255 3.14 -3.24 -12.55
C TYR B 255 4.33 -2.39 -13.00
N VAL B 256 5.35 -3.05 -13.55
CA VAL B 256 6.58 -2.39 -13.99
C VAL B 256 7.12 -2.86 -15.37
N VAL B 257 7.98 -2.06 -15.96
CA VAL B 257 8.80 -2.49 -17.12
C VAL B 257 10.23 -2.03 -16.85
N LYS B 258 11.20 -2.60 -17.55
CA LYS B 258 12.58 -2.11 -17.49
C LYS B 258 12.54 -0.65 -17.90
N CYS B 259 13.18 0.19 -17.11
CA CYS B 259 13.13 1.62 -17.39
C CYS B 259 13.52 2.01 -18.85
N ASN B 260 14.45 1.26 -19.46
CA ASN B 260 15.02 1.70 -20.71
C ASN B 260 14.09 1.29 -21.78
N GLU B 261 13.24 0.30 -21.51
CA GLU B 261 12.25 -0.15 -22.48
C GLU B 261 10.99 0.71 -22.52
N GLY B 262 10.82 1.62 -21.55
CA GLY B 262 9.63 2.47 -21.45
C GLY B 262 9.28 3.24 -22.70
N PRO B 263 10.21 4.04 -23.23
CA PRO B 263 10.03 4.93 -24.41
C PRO B 263 9.62 4.19 -25.66
N THR B 264 9.94 2.90 -25.73
CA THR B 264 9.76 2.09 -26.92
C THR B 264 8.37 1.37 -26.86
N LEU B 265 7.59 1.61 -25.80
CA LEU B 265 6.29 0.99 -25.59
C LEU B 265 5.21 1.55 -26.52
N PRO B 266 4.27 0.70 -26.93
CA PRO B 266 3.24 1.27 -27.77
C PRO B 266 2.28 2.25 -27.03
N ASP B 267 1.64 3.11 -27.82
CA ASP B 267 0.49 3.93 -27.43
C ASP B 267 -0.63 3.10 -26.85
N ILE B 268 -1.35 3.65 -25.89
CA ILE B 268 -2.68 3.14 -25.45
C ILE B 268 -3.76 4.16 -25.89
N SER B 269 -4.79 3.67 -26.55
CA SER B 269 -5.91 4.50 -27.00
C SER B 269 -7.24 4.08 -26.44
N PHE B 270 -7.98 5.06 -25.89
CA PHE B 270 -9.37 4.88 -25.44
C PHE B 270 -10.35 5.57 -26.40
N HIS B 271 -11.35 4.80 -26.86
CA HIS B 271 -12.33 5.30 -27.87
C HIS B 271 -13.57 5.82 -27.11
N LEU B 272 -13.66 7.14 -27.01
CA LEU B 272 -14.67 7.83 -26.23
C LEU B 272 -15.34 8.81 -27.18
N GLY B 273 -16.69 8.82 -27.18
CA GLY B 273 -17.51 9.70 -28.02
C GLY B 273 -17.10 9.68 -29.45
N GLY B 274 -16.75 8.49 -29.96
CA GLY B 274 -16.31 8.33 -31.35
C GLY B 274 -14.95 8.91 -31.72
N LYS B 275 -14.15 9.28 -30.71
CA LYS B 275 -12.76 9.76 -30.94
C LYS B 275 -11.71 8.88 -30.19
N GLU B 276 -10.49 8.86 -30.72
CA GLU B 276 -9.34 8.16 -30.12
C GLU B 276 -8.61 9.12 -29.14
N TYR B 277 -8.60 8.75 -27.85
CA TYR B 277 -7.88 9.44 -26.78
C TYR B 277 -6.61 8.61 -26.49
N THR B 278 -5.47 9.12 -26.92
CA THR B 278 -4.29 8.30 -27.01
C THR B 278 -3.30 8.76 -25.95
N LEU B 279 -2.80 7.81 -25.17
CA LEU B 279 -1.69 8.10 -24.25
C LEU B 279 -0.48 7.42 -24.80
N THR B 280 0.65 8.07 -24.73
CA THR B 280 1.90 7.47 -25.15
C THR B 280 2.60 6.91 -23.92
N SER B 281 3.65 6.15 -24.11
CA SER B 281 4.36 5.62 -22.93
C SER B 281 4.90 6.76 -22.07
N ALA B 282 5.32 7.88 -22.65
CA ALA B 282 5.73 9.01 -21.80
C ALA B 282 4.64 9.47 -20.82
N ASP B 283 3.38 9.28 -21.22
CA ASP B 283 2.22 9.64 -20.38
C ASP B 283 1.88 8.57 -19.37
N TYR B 284 2.24 7.33 -19.64
CA TYR B 284 1.80 6.33 -18.67
C TYR B 284 2.87 5.52 -17.91
N VAL B 285 4.16 5.81 -18.14
CA VAL B 285 5.24 5.21 -17.36
C VAL B 285 5.85 6.25 -16.46
N PHE B 286 6.09 5.91 -15.21
CA PHE B 286 6.81 6.87 -14.38
C PHE B 286 8.31 6.63 -14.68
N GLN B 287 8.87 7.44 -15.57
CA GLN B 287 10.29 7.25 -15.92
C GLN B 287 11.18 7.88 -14.88
N GLU B 288 11.31 7.25 -13.73
CA GLU B 288 12.22 7.73 -12.70
C GLU B 288 13.69 7.70 -13.18
N SER B 289 13.98 6.74 -14.07
CA SER B 289 15.24 6.69 -14.79
C SER B 289 14.97 6.06 -16.14
N TYR B 290 16.03 5.91 -16.93
CA TYR B 290 15.97 5.20 -18.20
C TYR B 290 16.97 4.06 -18.17
N SER B 291 17.51 3.81 -16.99
CA SER B 291 18.48 2.72 -16.86
C SER B 291 17.86 1.35 -17.04
N SER B 292 18.66 0.44 -17.58
CA SER B 292 18.33 -0.98 -17.87
C SER B 292 18.28 -1.76 -16.62
N LYS B 293 18.97 -1.26 -15.61
CA LYS B 293 19.08 -2.04 -14.39
C LYS B 293 17.96 -1.64 -13.42
N LYS B 294 17.03 -0.81 -13.87
CA LYS B 294 15.98 -0.32 -13.00
C LYS B 294 14.60 -0.62 -13.53
N LEU B 295 13.63 -0.59 -12.62
CA LEU B 295 12.27 -0.90 -12.98
C LEU B 295 11.39 0.29 -12.76
N CYS B 296 10.56 0.60 -13.76
CA CYS B 296 9.76 1.81 -13.78
C CYS B 296 8.27 1.46 -13.73
N THR B 297 7.54 2.23 -12.92
CA THR B 297 6.13 1.98 -12.61
C THR B 297 5.16 2.41 -13.70
N LEU B 298 4.14 1.62 -14.03
CA LEU B 298 3.04 2.17 -14.91
C LEU B 298 1.90 2.83 -14.09
N ALA B 299 1.31 3.89 -14.62
CA ALA B 299 0.26 4.62 -13.89
C ALA B 299 -1.11 4.05 -14.30
N ILE B 300 -1.17 2.71 -14.31
CA ILE B 300 -2.32 1.90 -14.66
C ILE B 300 -2.37 0.72 -13.69
N HIS B 301 -3.56 0.34 -13.22
CA HIS B 301 -3.66 -0.84 -12.34
C HIS B 301 -5.01 -1.48 -12.39
N ALA B 302 -5.22 -2.53 -11.62
CA ALA B 302 -6.45 -3.26 -11.69
C ALA B 302 -7.33 -2.79 -10.54
N MET B 303 -8.60 -2.51 -10.84
CA MET B 303 -9.57 -2.26 -9.77
C MET B 303 -10.91 -2.81 -10.18
N ASP B 304 -11.42 -3.70 -9.36
CA ASP B 304 -12.70 -4.25 -9.77
C ASP B 304 -13.79 -3.45 -9.04
N ILE B 305 -14.36 -2.46 -9.72
CA ILE B 305 -15.34 -1.63 -9.08
C ILE B 305 -16.70 -2.37 -9.09
N PRO B 306 -17.36 -2.45 -7.94
CA PRO B 306 -18.57 -3.30 -7.83
C PRO B 306 -19.81 -2.64 -8.45
N PRO B 307 -20.80 -3.45 -8.85
CA PRO B 307 -22.09 -2.82 -9.18
C PRO B 307 -22.68 -1.98 -8.00
N PRO B 308 -23.60 -1.05 -8.32
CA PRO B 308 -24.18 -0.73 -9.63
C PRO B 308 -23.25 0.03 -10.59
N THR B 309 -22.22 0.76 -10.10
CA THR B 309 -21.27 1.53 -10.97
C THR B 309 -20.35 0.64 -11.82
N GLY B 310 -19.80 -0.40 -11.19
CA GLY B 310 -18.95 -1.36 -11.86
C GLY B 310 -19.75 -2.46 -12.54
N PRO B 311 -19.07 -3.36 -13.26
CA PRO B 311 -17.65 -3.31 -13.60
C PRO B 311 -17.42 -2.16 -14.55
N THR B 312 -16.30 -1.46 -14.39
CA THR B 312 -16.04 -0.30 -15.19
C THR B 312 -14.54 0.04 -15.16
N TRP B 313 -14.01 0.59 -16.26
CA TRP B 313 -12.72 1.22 -16.25
C TRP B 313 -12.89 2.50 -15.42
N ALA B 314 -11.78 3.02 -14.88
CA ALA B 314 -11.82 4.39 -14.36
C ALA B 314 -10.66 5.16 -14.92
N LEU B 315 -10.97 6.37 -15.37
CA LEU B 315 -10.00 7.31 -15.91
C LEU B 315 -9.67 8.34 -14.87
N GLY B 316 -8.55 8.11 -14.19
CA GLY B 316 -8.14 9.05 -13.19
C GLY B 316 -7.04 9.96 -13.63
N ALA B 317 -6.18 10.30 -12.67
CA ALA B 317 -5.19 11.37 -12.94
C ALA B 317 -4.28 11.11 -14.15
N THR B 318 -3.92 9.85 -14.40
CA THR B 318 -3.06 9.56 -15.56
C THR B 318 -3.73 10.12 -16.86
N PHE B 319 -5.07 10.08 -16.89
CA PHE B 319 -5.80 10.40 -18.10
C PHE B 319 -5.99 11.93 -18.09
N ILE B 320 -6.43 12.47 -16.96
CA ILE B 320 -6.77 13.87 -16.79
C ILE B 320 -5.60 14.80 -16.95
N ARG B 321 -4.43 14.42 -16.50
CA ARG B 321 -3.27 15.24 -16.70
C ARG B 321 -2.97 15.44 -18.17
N LYS B 322 -3.43 14.55 -19.02
CA LYS B 322 -3.31 14.84 -20.47
C LYS B 322 -4.53 15.60 -21.15
N PHE B 323 -5.73 15.38 -20.64
CA PHE B 323 -6.97 15.92 -21.22
C PHE B 323 -7.68 16.65 -20.07
N TYR B 324 -7.60 17.97 -20.08
CA TYR B 324 -8.35 18.82 -19.20
C TYR B 324 -9.84 18.38 -19.29
N THR B 325 -10.50 18.30 -18.14
CA THR B 325 -11.76 17.61 -18.04
C THR B 325 -12.85 18.58 -17.46
N GLU B 326 -13.96 18.77 -18.22
CA GLU B 326 -15.16 19.53 -17.79
C GLU B 326 -16.31 18.60 -17.53
N PHE B 327 -16.83 18.68 -16.31
CA PHE B 327 -17.98 18.00 -15.84
C PHE B 327 -19.17 18.99 -15.82
N ASP B 328 -20.17 18.73 -16.65
CA ASP B 328 -21.20 19.72 -17.00
C ASP B 328 -22.53 19.20 -16.45
N ARG B 329 -23.16 19.93 -15.50
CA ARG B 329 -24.43 19.44 -14.88
C ARG B 329 -25.70 19.87 -15.59
N ARG B 330 -25.72 21.08 -16.16
CA ARG B 330 -26.92 21.48 -16.92
C ARG B 330 -27.15 20.58 -18.16
N ASN B 331 -26.09 20.21 -18.88
CA ASN B 331 -26.23 19.30 -20.00
C ASN B 331 -25.94 17.81 -19.75
N ASN B 332 -25.67 17.41 -18.51
CA ASN B 332 -25.20 16.02 -18.18
C ASN B 332 -24.26 15.42 -19.20
N ARG B 333 -23.12 16.08 -19.34
CA ARG B 333 -22.07 15.59 -20.24
C ARG B 333 -20.69 15.80 -19.62
N ILE B 334 -19.68 15.25 -20.30
CA ILE B 334 -18.28 15.48 -19.92
C ILE B 334 -17.54 15.97 -21.15
N GLY B 335 -16.76 17.04 -21.00
CA GLY B 335 -15.95 17.46 -22.12
C GLY B 335 -14.47 17.23 -21.85
N PHE B 336 -13.68 17.01 -22.89
CA PHE B 336 -12.22 16.81 -22.72
C PHE B 336 -11.59 17.68 -23.70
N ALA B 337 -10.57 18.39 -23.28
CA ALA B 337 -9.74 19.11 -24.23
C ALA B 337 -8.25 18.75 -23.97
N LEU B 338 -7.40 18.86 -24.99
CA LEU B 338 -6.00 18.60 -24.75
C LEU B 338 -5.40 19.65 -23.76
N ALA B 339 -4.97 19.17 -22.60
CA ALA B 339 -4.33 19.95 -21.54
C ALA B 339 -3.02 20.60 -21.97
N ARG B 340 -2.72 21.78 -21.44
CA ARG B 340 -1.41 22.41 -21.64
C ARG B 340 -1.00 23.07 -20.31
C1 NAG C . 34.21 1.64 3.44
C2 NAG C . 35.73 1.55 3.68
C3 NAG C . 36.45 1.26 2.37
C4 NAG C . 35.85 0.04 1.69
C5 NAG C . 34.33 0.15 1.59
C6 NAG C . 33.74 -1.16 1.07
C7 NAG C . 36.50 2.88 5.56
C8 NAG C . 37.43 3.98 5.98
N2 NAG C . 36.25 2.78 4.26
O3 NAG C . 37.83 1.04 2.60
O4 NAG C . 36.39 -0.08 0.39
O5 NAG C . 33.80 0.41 2.88
O6 NAG C . 34.60 -2.23 1.41
O7 NAG C . 35.98 2.13 6.39
C1 NAG C . 37.21 -1.25 0.33
C2 NAG C . 37.39 -1.60 -1.14
C3 NAG C . 38.53 -2.58 -1.43
C4 NAG C . 39.72 -2.40 -0.50
C5 NAG C . 39.28 -2.20 0.94
C6 NAG C . 40.47 -1.94 1.85
C7 NAG C . 35.39 -1.48 -2.52
C8 NAG C . 34.10 -2.13 -2.91
N2 NAG C . 36.15 -2.15 -1.65
O3 NAG C . 38.95 -2.40 -2.77
O4 NAG C . 40.55 -3.54 -0.59
O5 NAG C . 38.44 -1.07 0.99
O6 NAG C . 41.06 -0.72 1.45
O7 NAG C . 35.72 -0.39 -2.98
CL CL D . 0.21 -23.99 -9.40
C1 RX6 E . 5.46 -5.93 6.06
N1 RX6 E . 7.55 -8.36 8.51
O1 RX6 E . 9.68 -4.34 3.90
C2 RX6 E . 6.56 -11.27 10.32
O2 RX6 E . 7.12 -10.54 9.23
C3 RX6 E . 5.35 -4.46 6.12
O3 RX6 E . 6.60 -6.17 6.87
C4 RX6 E . 6.46 -3.62 5.86
C5 RX6 E . 4.12 -3.90 6.48
C6 RX6 E . 6.31 -2.25 6.00
C7 RX6 E . 4.00 -2.53 6.59
C8 RX6 E . 5.09 -1.70 6.35
C9 RX6 E . 7.26 -9.15 9.51
CL28 RX6 E . 7.67 -1.13 5.63
C32 RX6 E . 9.75 -8.75 3.34
C33 RX6 E . 10.07 -10.23 3.18
C34 RX6 E . 10.54 -8.05 4.45
N35 RX6 E . 11.52 -10.55 3.28
O35 RX6 E . 7.12 -8.71 10.65
C36 RX6 E . 10.08 -6.61 4.73
C37 RX6 E . 11.04 -6.02 5.77
C38 RX6 E . 10.74 -4.53 5.99
C39 RX6 E . 10.57 -3.66 4.73
C40 RX6 E . 10.11 -5.68 3.52
N42 RX6 E . 8.37 -8.53 3.66
C43 RX6 E . 7.43 -8.41 2.73
O44 RX6 E . 7.70 -8.52 1.51
N45 RX6 E . 6.18 -8.17 3.17
C46 RX6 E . 4.74 -6.45 2.29
C47 RX6 E . 4.63 -5.92 3.70
C48 RX6 E . 5.76 -6.42 4.66
C49 RX6 E . 5.82 -7.98 4.59
C50 RX6 E . 5.07 -8.00 2.26
C51 RX6 E . 12.36 -10.17 2.15
CT2 RX6 E . 6.37 -6.31 8.27
CT3 RX6 E . 7.67 -6.96 8.77
CL CL F . -4.09 -15.94 11.96
CL CL G . 17.93 -6.11 -1.33
CL CL H . -1.02 2.04 -3.09
CL CL I . -17.20 16.73 -33.06
C1 RX6 J . -5.41 7.25 -3.65
N1 RX6 J . -6.81 10.72 -5.32
O1 RX6 J . -9.64 6.76 -0.97
C2 RX6 J . -6.24 12.41 -8.39
O2 RX6 J . -6.62 11.37 -7.53
C3 RX6 J . -4.91 7.15 -2.28
O3 RX6 J . -6.11 8.48 -3.75
C4 RX6 J . -5.81 7.21 -1.24
C5 RX6 J . -3.53 6.98 -2.05
C6 RX6 J . -5.33 7.11 0.06
C7 RX6 J . -3.04 6.87 -0.76
C8 RX6 J . -3.97 6.92 0.29
C9 RX6 J . -6.26 11.52 -6.17
CL28 RX6 J . -6.51 7.20 1.43
C32 RX6 J . -10.97 6.82 -5.04
C33 RX6 J . -11.69 7.05 -6.39
C34 RX6 J . -11.16 8.03 -4.12
N35 RX6 J . -13.07 7.52 -6.19
O35 RX6 J . -5.50 12.42 -5.88
C36 RX6 J . -10.21 8.02 -2.91
C37 RX6 J . -10.43 9.30 -2.07
C38 RX6 J . -9.72 9.17 -0.71
C39 RX6 J . -10.00 7.81 -0.06
C40 RX6 J . -10.54 6.81 -2.07
N42 RX6 J . -9.53 6.59 -5.20
C43 RX6 J . -9.04 5.37 -5.52
O44 RX6 J . -9.80 4.44 -5.67
N45 RX6 J . -7.70 5.24 -5.65
C46 RX6 J . -6.50 3.60 -4.53
C47 RX6 J . -5.70 4.76 -3.82
C48 RX6 J . -6.37 6.12 -3.98
C49 RX6 J . -6.78 6.34 -5.44
C50 RX6 J . -7.04 3.98 -5.94
C51 RX6 J . -14.05 6.52 -5.72
CT2 RX6 J . -5.38 9.73 -3.67
CT3 RX6 J . -6.40 10.86 -3.92
CL CL K . -11.37 -0.22 -12.93
#